data_4CRT
#
_entry.id   4CRT
#
_cell.length_a   132.060
_cell.length_b   223.250
_cell.length_c   86.350
_cell.angle_alpha   90.00
_cell.angle_beta   90.00
_cell.angle_gamma   90.00
#
_symmetry.space_group_name_H-M   'C 2 2 2'
#
loop_
_entity.id
_entity.type
_entity.pdbx_description
1 polymer 'AMINE OXIDASE [FLAVIN-CONTAINING] B'
2 non-polymer 'FLAVIN-ADENINE DINUCLEOTIDE'
3 non-polymer (E)-N-methyl-N-[[1-methyl-5-[3-[1-(phenylmethyl)piperidin-4-yl]propoxy]indol-2-yl]methyl]prop-1-en-1-amine
4 water water
#
_entity_poly.entity_id   1
_entity_poly.type   'polypeptide(L)'
_entity_poly.pdbx_seq_one_letter_code
;MSNKCDVVVVGGGISGMAAAKLLHDSGLNVVVLEARDRVGGRTYTLRNQKVKYVDLGGSYVGPTQNRILRLAKELGLETY
KVNEVERLIHHVKGKSYPFRGPFPPVWNPITYLDHNNFWRTMDDMGREIPSDAPWKAPLAEEWDNMTMKELLDKLCWTES
AKQLATLFVNLCVTAETHEVSALWFLWYVKQCGGTTRIISTTNGGQERKFVGGSGQVSERIMDLLGDRVKLERPVIYIDQ
TRENVLVETLNHEMYEAKYVISAIPPTLGMKIHFNPPLPMMRNQMITRVPLGSVIKCIVYYKEPFWRKKDYCGTMIIDGE
EAPVAYTLDDTKPEGNYAAIMGFILAHKARKLARLTKEERLKKLCELYAKVLGSLEALEPVHYEEKNWCEEQYSGGCYTT
YFPPGILTQYGRVLRQPVDRIYFAGTETATHWSGYMEGAVEAGERAAREILHAMGKIPEDEIWQSEPESVDVPAQPITTT
FLERHLPSVPGLLRLIGLTTIFSATALGFLAHKRGLLVRV
;
_entity_poly.pdbx_strand_id   A,B
#
loop_
_chem_comp.id
_chem_comp.type
_chem_comp.name
_chem_comp.formula
ASS non-polymer (E)-N-methyl-N-[[1-methyl-5-[3-[1-(phenylmethyl)piperidin-4-yl]propoxy]indol-2-yl]methyl]prop-1-en-1-amine 'C29 H39 N3 O'
FAD non-polymer 'FLAVIN-ADENINE DINUCLEOTIDE' 'C27 H33 N9 O15 P2'
#
# COMPACT_ATOMS: atom_id res chain seq x y z
N ASN A 3 -17.32 -10.73 -28.09
CA ASN A 3 -17.32 -9.45 -28.84
C ASN A 3 -18.33 -8.39 -28.33
N LYS A 4 -19.43 -8.11 -29.06
CA LYS A 4 -20.34 -6.98 -28.72
C LYS A 4 -21.38 -7.33 -27.66
N CYS A 5 -21.57 -6.43 -26.69
CA CYS A 5 -22.59 -6.59 -25.64
C CYS A 5 -22.95 -5.24 -25.00
N ASP A 6 -23.91 -5.26 -24.07
CA ASP A 6 -24.30 -4.07 -23.33
C ASP A 6 -23.31 -3.75 -22.21
N VAL A 7 -22.95 -4.76 -21.41
CA VAL A 7 -22.05 -4.57 -20.27
C VAL A 7 -21.05 -5.71 -20.17
N VAL A 8 -19.77 -5.34 -20.04
CA VAL A 8 -18.74 -6.29 -19.71
C VAL A 8 -18.52 -6.18 -18.19
N VAL A 9 -18.57 -7.33 -17.53
CA VAL A 9 -18.18 -7.42 -16.10
C VAL A 9 -16.81 -8.05 -15.99
N VAL A 10 -15.89 -7.36 -15.33
CA VAL A 10 -14.55 -7.89 -15.15
C VAL A 10 -14.49 -8.57 -13.77
N GLY A 11 -14.30 -9.87 -13.78
CA GLY A 11 -14.26 -10.66 -12.54
C GLY A 11 -15.53 -11.47 -12.31
N GLY A 12 -15.36 -12.77 -12.12
CA GLY A 12 -16.45 -13.69 -11.87
C GLY A 12 -16.48 -14.21 -10.45
N GLY A 13 -16.21 -13.34 -9.47
CA GLY A 13 -16.44 -13.69 -8.07
C GLY A 13 -17.92 -13.46 -7.77
N ILE A 14 -18.33 -13.59 -6.51
CA ILE A 14 -19.72 -13.31 -6.15
C ILE A 14 -20.24 -11.94 -6.61
N SER A 15 -19.42 -10.90 -6.43
CA SER A 15 -19.84 -9.55 -6.82
C SER A 15 -20.11 -9.39 -8.32
N GLY A 16 -19.17 -9.83 -9.17
CA GLY A 16 -19.33 -9.75 -10.62
C GLY A 16 -20.51 -10.61 -11.08
N MET A 17 -20.65 -11.81 -10.50
CA MET A 17 -21.76 -12.71 -10.85
C MET A 17 -23.12 -12.16 -10.42
N ALA A 18 -23.21 -11.60 -9.21
CA ALA A 18 -24.44 -10.91 -8.79
C ALA A 18 -24.78 -9.73 -9.71
N ALA A 19 -23.77 -8.94 -10.10
CA ALA A 19 -23.99 -7.83 -11.05
C ALA A 19 -24.49 -8.35 -12.40
N ALA A 20 -23.80 -9.37 -12.92
CA ALA A 20 -24.15 -9.92 -14.25
C ALA A 20 -25.55 -10.51 -14.20
N LYS A 21 -25.89 -11.20 -13.11
CA LYS A 21 -27.22 -11.80 -13.01
C LYS A 21 -28.31 -10.72 -13.05
N LEU A 22 -28.13 -9.65 -12.27
CA LEU A 22 -29.11 -8.57 -12.20
C LEU A 22 -29.34 -7.98 -13.60
N LEU A 23 -28.23 -7.59 -14.25
CA LEU A 23 -28.26 -7.03 -15.60
C LEU A 23 -28.95 -7.99 -16.58
N HIS A 24 -28.55 -9.26 -16.51
CA HIS A 24 -29.12 -10.32 -17.35
C HIS A 24 -30.62 -10.43 -17.11
N ASP A 25 -31.02 -10.38 -15.85
CA ASP A 25 -32.43 -10.48 -15.47
C ASP A 25 -33.23 -9.27 -15.96
N SER A 26 -32.56 -8.14 -16.11
CA SER A 26 -33.18 -6.91 -16.55
C SER A 26 -33.26 -6.83 -18.08
N GLY A 27 -32.77 -7.85 -18.76
CA GLY A 27 -32.88 -7.94 -20.21
C GLY A 27 -31.67 -7.44 -20.97
N LEU A 28 -30.57 -7.16 -20.27
CA LEU A 28 -29.36 -6.68 -20.94
C LEU A 28 -28.46 -7.81 -21.35
N ASN A 29 -27.64 -7.58 -22.38
CA ASN A 29 -26.67 -8.57 -22.82
C ASN A 29 -25.35 -8.37 -22.10
N VAL A 30 -25.00 -9.33 -21.26
CA VAL A 30 -23.76 -9.20 -20.45
C VAL A 30 -22.73 -10.25 -20.81
N VAL A 31 -21.45 -9.87 -20.60
CA VAL A 31 -20.38 -10.84 -20.65
C VAL A 31 -19.62 -10.72 -19.33
N VAL A 32 -19.24 -11.87 -18.77
CA VAL A 32 -18.32 -11.91 -17.60
C VAL A 32 -16.94 -12.37 -18.07
N LEU A 33 -15.94 -11.52 -17.84
CA LEU A 33 -14.58 -11.89 -18.19
C LEU A 33 -13.85 -12.28 -16.89
N GLU A 34 -13.51 -13.56 -16.78
CA GLU A 34 -12.90 -14.07 -15.55
C GLU A 34 -11.50 -14.55 -15.84
N ALA A 35 -10.51 -14.05 -15.07
CA ALA A 35 -9.11 -14.46 -15.21
C ALA A 35 -8.81 -15.96 -15.04
N ARG A 36 -9.44 -16.60 -14.05
CA ARG A 36 -9.14 -17.99 -13.68
C ARG A 36 -9.93 -19.01 -14.52
N ASP A 37 -9.58 -20.28 -14.36
CA ASP A 37 -10.32 -21.39 -14.99
C ASP A 37 -11.57 -21.80 -14.22
N ARG A 38 -12.03 -20.94 -13.28
CA ARG A 38 -13.19 -21.21 -12.44
C ARG A 38 -13.80 -19.87 -12.05
N VAL A 39 -15.08 -19.89 -11.63
CA VAL A 39 -15.71 -18.74 -10.98
C VAL A 39 -15.62 -18.87 -9.45
N GLY A 40 -15.94 -17.79 -8.73
CA GLY A 40 -15.99 -17.80 -7.25
C GLY A 40 -14.96 -16.90 -6.57
N GLY A 41 -13.78 -16.71 -7.19
CA GLY A 41 -12.75 -15.80 -6.68
C GLY A 41 -12.25 -16.15 -5.29
N ARG A 42 -12.51 -15.26 -4.32
CA ARG A 42 -12.11 -15.52 -2.92
C ARG A 42 -13.00 -16.57 -2.21
N THR A 43 -14.02 -17.08 -2.91
CA THR A 43 -14.74 -18.31 -2.51
C THR A 43 -14.24 -19.44 -3.39
N TYR A 44 -14.05 -20.61 -2.78
CA TYR A 44 -13.56 -21.79 -3.50
C TYR A 44 -13.95 -23.01 -2.70
N THR A 45 -14.79 -23.83 -3.28
CA THR A 45 -15.21 -25.06 -2.62
C THR A 45 -14.50 -26.22 -3.30
N LEU A 46 -13.52 -26.81 -2.60
CA LEU A 46 -12.86 -28.02 -3.06
C LEU A 46 -13.76 -29.27 -2.88
N ARG A 47 -13.82 -30.15 -3.88
CA ARG A 47 -14.50 -31.44 -3.74
C ARG A 47 -13.56 -32.62 -4.02
N ASN A 48 -13.51 -33.57 -3.09
CA ASN A 48 -12.83 -34.85 -3.29
C ASN A 48 -13.49 -35.85 -2.35
N GLN A 49 -13.07 -37.10 -2.40
CA GLN A 49 -13.71 -38.17 -1.65
C GLN A 49 -13.43 -38.11 -0.15
N LYS A 50 -12.27 -37.57 0.23
CA LYS A 50 -11.90 -37.50 1.63
C LYS A 50 -12.66 -36.47 2.42
N VAL A 51 -13.06 -35.36 1.79
CA VAL A 51 -13.68 -34.25 2.51
C VAL A 51 -15.15 -34.07 2.10
N LYS A 52 -15.51 -34.71 0.99
CA LYS A 52 -16.75 -34.46 0.25
C LYS A 52 -16.77 -33.07 -0.39
N TYR A 53 -16.91 -32.03 0.43
CA TYR A 53 -16.73 -30.66 -0.03
C TYR A 53 -16.07 -29.87 1.10
N VAL A 54 -15.30 -28.84 0.78
CA VAL A 54 -14.82 -27.93 1.84
C VAL A 54 -14.56 -26.54 1.26
N ASP A 55 -15.04 -25.52 1.97
CA ASP A 55 -14.73 -24.12 1.63
C ASP A 55 -13.29 -23.82 2.06
N LEU A 56 -12.45 -23.45 1.09
CA LEU A 56 -11.07 -23.05 1.38
C LEU A 56 -10.93 -21.52 1.34
N GLY A 57 -11.98 -20.84 0.86
CA GLY A 57 -12.08 -19.39 0.93
C GLY A 57 -13.26 -18.96 1.78
N GLY A 58 -13.95 -17.89 1.38
CA GLY A 58 -15.10 -17.42 2.19
C GLY A 58 -16.11 -18.54 2.40
N SER A 59 -16.66 -18.59 3.61
CA SER A 59 -17.53 -19.70 4.01
C SER A 59 -18.75 -19.29 4.86
N TYR A 60 -18.49 -18.55 5.93
CA TYR A 60 -19.51 -18.13 6.90
C TYR A 60 -20.47 -17.05 6.44
N VAL A 61 -21.74 -17.27 6.79
CA VAL A 61 -22.78 -16.27 6.65
C VAL A 61 -23.59 -16.22 7.96
N GLY A 62 -24.33 -15.15 8.17
CA GLY A 62 -25.05 -14.99 9.42
C GLY A 62 -26.15 -13.94 9.37
N PRO A 63 -26.83 -13.73 10.51
CA PRO A 63 -27.93 -12.77 10.60
C PRO A 63 -27.47 -11.36 10.25
N THR A 64 -28.38 -10.62 9.59
CA THR A 64 -28.16 -9.29 8.95
C THR A 64 -27.49 -9.36 7.56
N GLN A 65 -27.02 -10.53 7.13
CA GLN A 65 -26.43 -10.64 5.80
C GLN A 65 -27.50 -11.12 4.82
N ASN A 66 -28.51 -10.27 4.63
CA ASN A 66 -29.75 -10.69 3.97
C ASN A 66 -29.61 -10.85 2.46
N ARG A 67 -28.71 -10.08 1.86
CA ARG A 67 -28.51 -10.17 0.40
C ARG A 67 -27.90 -11.48 -0.04
N ILE A 68 -26.80 -11.91 0.60
CA ILE A 68 -26.20 -13.19 0.22
C ILE A 68 -27.18 -14.33 0.53
N LEU A 69 -27.94 -14.20 1.62
CA LEU A 69 -28.87 -15.26 2.00
C LEU A 69 -30.01 -15.37 0.95
N ARG A 70 -30.48 -14.23 0.49
CA ARG A 70 -31.53 -14.18 -0.53
C ARG A 70 -31.03 -14.72 -1.87
N LEU A 71 -29.85 -14.28 -2.30
CA LEU A 71 -29.28 -14.80 -3.53
C LEU A 71 -29.09 -16.31 -3.50
N ALA A 72 -28.49 -16.82 -2.41
CA ALA A 72 -28.25 -18.24 -2.28
C ALA A 72 -29.56 -19.05 -2.25
N LYS A 73 -30.56 -18.52 -1.56
CA LYS A 73 -31.85 -19.24 -1.47
C LYS A 73 -32.51 -19.31 -2.87
N GLU A 74 -32.48 -18.20 -3.60
CA GLU A 74 -33.02 -18.16 -4.96
C GLU A 74 -32.31 -19.13 -5.90
N LEU A 75 -31.01 -19.37 -5.66
CA LEU A 75 -30.24 -20.35 -6.41
C LEU A 75 -30.46 -21.80 -5.96
N GLY A 76 -31.27 -21.98 -4.93
CA GLY A 76 -31.62 -23.32 -4.44
C GLY A 76 -30.70 -23.82 -3.34
N LEU A 77 -29.91 -22.92 -2.75
CA LEU A 77 -29.02 -23.30 -1.63
C LEU A 77 -29.65 -23.23 -0.25
N GLU A 78 -29.07 -24.00 0.68
CA GLU A 78 -29.50 -24.05 2.08
C GLU A 78 -28.28 -23.82 3.00
N THR A 79 -28.54 -23.30 4.20
CA THR A 79 -27.53 -23.13 5.24
C THR A 79 -27.67 -24.17 6.35
N TYR A 80 -26.64 -24.29 7.16
CA TYR A 80 -26.73 -25.05 8.40
C TYR A 80 -25.91 -24.31 9.44
N LYS A 81 -26.16 -24.61 10.71
CA LYS A 81 -25.54 -23.89 11.82
C LYS A 81 -24.19 -24.50 12.19
N VAL A 82 -23.19 -23.63 12.28
CA VAL A 82 -21.87 -24.00 12.80
C VAL A 82 -22.02 -24.52 14.24
N ASN A 83 -21.31 -25.60 14.60
CA ASN A 83 -21.41 -26.13 15.96
C ASN A 83 -20.97 -25.19 17.07
N GLU A 84 -21.91 -24.76 17.93
CA GLU A 84 -21.53 -24.00 19.14
C GLU A 84 -22.36 -24.49 20.32
N VAL A 85 -22.65 -25.78 20.32
CA VAL A 85 -23.45 -26.39 21.37
C VAL A 85 -22.66 -26.45 22.66
N GLU A 86 -21.42 -26.94 22.58
CA GLU A 86 -20.60 -27.15 23.78
C GLU A 86 -19.75 -25.89 24.07
N ARG A 87 -18.74 -26.02 24.94
CA ARG A 87 -18.02 -24.83 25.44
C ARG A 87 -16.96 -24.35 24.45
N LEU A 88 -16.77 -23.03 24.40
CA LEU A 88 -15.62 -22.42 23.71
C LEU A 88 -14.40 -22.50 24.61
N ILE A 89 -13.22 -22.31 24.05
CA ILE A 89 -11.99 -22.33 24.85
C ILE A 89 -11.25 -21.04 24.55
N HIS A 90 -10.80 -20.37 25.61
CA HIS A 90 -9.84 -19.27 25.45
C HIS A 90 -8.51 -19.82 25.98
N HIS A 91 -7.50 -19.85 25.13
CA HIS A 91 -6.22 -20.40 25.54
C HIS A 91 -5.30 -19.22 25.66
N VAL A 92 -4.79 -19.01 26.86
CA VAL A 92 -3.93 -17.86 27.10
C VAL A 92 -2.83 -18.25 28.09
N LYS A 93 -1.62 -17.78 27.81
CA LYS A 93 -0.41 -18.12 28.58
C LYS A 93 -0.25 -19.63 28.82
N GLY A 94 -0.45 -20.41 27.75
CA GLY A 94 -0.20 -21.84 27.81
C GLY A 94 -1.28 -22.67 28.47
N LYS A 95 -2.40 -22.04 28.87
CA LYS A 95 -3.53 -22.75 29.54
C LYS A 95 -4.90 -22.46 28.90
N SER A 96 -5.80 -23.43 29.01
CA SER A 96 -7.11 -23.36 28.39
C SER A 96 -8.18 -23.07 29.44
N TYR A 97 -9.11 -22.20 29.07
CA TYR A 97 -10.18 -21.75 29.96
C TYR A 97 -11.50 -21.87 29.20
N PRO A 98 -12.29 -22.91 29.49
CA PRO A 98 -13.56 -23.08 28.77
C PRO A 98 -14.60 -22.05 29.21
N PHE A 99 -15.54 -21.74 28.34
CA PHE A 99 -16.51 -20.66 28.64
C PHE A 99 -17.70 -20.76 27.68
N ARG A 100 -18.73 -19.97 27.98
CA ARG A 100 -19.95 -19.84 27.17
C ARG A 100 -20.26 -18.35 26.95
N GLY A 101 -20.97 -18.05 25.85
CA GLY A 101 -21.21 -16.66 25.46
C GLY A 101 -20.15 -16.29 24.46
N PRO A 102 -20.31 -15.14 23.76
CA PRO A 102 -19.36 -14.81 22.69
C PRO A 102 -17.98 -14.28 23.15
N PHE A 103 -17.92 -13.67 24.34
CA PHE A 103 -16.66 -13.11 24.88
C PHE A 103 -16.09 -13.94 26.03
N PRO A 104 -14.76 -14.19 26.03
CA PRO A 104 -14.13 -14.87 27.17
C PRO A 104 -14.34 -14.07 28.47
N PRO A 105 -14.83 -14.73 29.54
CA PRO A 105 -15.04 -14.07 30.83
C PRO A 105 -13.72 -13.60 31.43
N VAL A 106 -13.79 -12.57 32.26
CA VAL A 106 -12.62 -12.03 32.94
C VAL A 106 -12.96 -11.81 34.39
N TRP A 107 -12.19 -12.43 35.29
CA TRP A 107 -12.48 -12.36 36.71
C TRP A 107 -11.91 -11.16 37.46
N ASN A 108 -10.65 -10.80 37.19
CA ASN A 108 -10.01 -9.64 37.82
C ASN A 108 -10.80 -8.36 37.53
N PRO A 109 -11.28 -7.66 38.59
CA PRO A 109 -12.16 -6.51 38.38
C PRO A 109 -11.54 -5.38 37.56
N ILE A 110 -10.26 -5.09 37.74
CA ILE A 110 -9.56 -4.07 36.94
C ILE A 110 -9.58 -4.51 35.48
N THR A 111 -9.16 -5.74 35.26
CA THR A 111 -9.14 -6.34 33.94
C THR A 111 -10.56 -6.40 33.35
N TYR A 112 -11.54 -6.74 34.18
CA TYR A 112 -12.93 -6.76 33.74
C TYR A 112 -13.35 -5.41 33.18
N LEU A 113 -13.07 -4.34 33.93
CA LEU A 113 -13.38 -2.97 33.50
C LEU A 113 -12.67 -2.59 32.20
N ASP A 114 -11.40 -2.98 32.09
CA ASP A 114 -10.63 -2.64 30.89
C ASP A 114 -11.23 -3.33 29.66
N HIS A 115 -11.54 -4.61 29.81
CA HIS A 115 -12.12 -5.39 28.70
C HIS A 115 -13.46 -4.80 28.31
N ASN A 116 -14.27 -4.48 29.32
CA ASN A 116 -15.60 -3.95 29.04
C ASN A 116 -15.49 -2.64 28.26
N ASN A 117 -14.56 -1.78 28.70
CA ASN A 117 -14.38 -0.48 28.07
C ASN A 117 -13.83 -0.62 26.66
N PHE A 118 -12.95 -1.60 26.44
CA PHE A 118 -12.36 -1.76 25.10
C PHE A 118 -13.47 -1.98 24.07
N TRP A 119 -14.32 -2.99 24.27
CA TRP A 119 -15.35 -3.31 23.28
C TRP A 119 -16.36 -2.16 23.13
N ARG A 120 -16.74 -1.58 24.27
CA ARG A 120 -17.71 -0.50 24.30
C ARG A 120 -17.19 0.69 23.50
N THR A 121 -15.92 1.02 23.70
CA THR A 121 -15.30 2.16 23.01
C THR A 121 -15.15 1.93 21.51
N MET A 122 -14.82 0.70 21.09
CA MET A 122 -14.84 0.34 19.66
C MET A 122 -16.17 0.74 19.04
N ASP A 123 -17.26 0.35 19.70
CA ASP A 123 -18.57 0.63 19.16
C ASP A 123 -18.94 2.11 19.30
N ASP A 124 -18.51 2.77 20.39
CA ASP A 124 -18.77 4.20 20.61
C ASP A 124 -18.14 5.01 19.48
N MET A 125 -16.85 4.76 19.22
CA MET A 125 -16.17 5.45 18.11
C MET A 125 -16.86 5.15 16.81
N GLY A 126 -17.26 3.89 16.61
CA GLY A 126 -17.91 3.46 15.38
C GLY A 126 -19.14 4.28 15.02
N ARG A 127 -19.91 4.66 16.05
CA ARG A 127 -21.16 5.41 15.83
C ARG A 127 -20.92 6.78 15.23
N GLU A 128 -19.70 7.28 15.38
CA GLU A 128 -19.29 8.55 14.79
C GLU A 128 -18.98 8.45 13.28
N ILE A 129 -18.90 7.24 12.76
CA ILE A 129 -18.37 7.00 11.42
C ILE A 129 -19.48 6.63 10.45
N PRO A 130 -19.79 7.52 9.49
CA PRO A 130 -20.84 7.12 8.54
C PRO A 130 -20.44 5.88 7.70
N SER A 131 -21.33 4.87 7.61
CA SER A 131 -21.01 3.66 6.83
C SER A 131 -20.62 3.97 5.38
N ASP A 132 -21.29 4.96 4.78
CA ASP A 132 -21.10 5.23 3.36
C ASP A 132 -20.06 6.31 3.12
N ALA A 133 -19.42 6.81 4.17
CA ALA A 133 -18.48 7.93 4.03
C ALA A 133 -17.68 8.09 5.31
N PRO A 134 -16.80 7.11 5.60
CA PRO A 134 -16.07 7.12 6.89
C PRO A 134 -15.19 8.33 7.06
N TRP A 135 -14.73 8.89 5.94
CA TRP A 135 -13.91 10.09 5.96
C TRP A 135 -14.72 11.31 6.45
N LYS A 136 -16.02 11.16 6.61
CA LYS A 136 -16.83 12.26 7.15
C LYS A 136 -16.92 12.25 8.69
N ALA A 137 -16.32 11.25 9.34
CA ALA A 137 -16.32 11.22 10.82
C ALA A 137 -15.73 12.53 11.33
N PRO A 138 -16.27 13.07 12.44
CA PRO A 138 -15.76 14.33 12.96
C PRO A 138 -14.24 14.33 13.19
N LEU A 139 -13.70 13.21 13.67
CA LEU A 139 -12.25 13.12 13.91
C LEU A 139 -11.61 12.18 12.88
N ALA A 140 -12.15 12.14 11.66
CA ALA A 140 -11.64 11.22 10.64
C ALA A 140 -10.13 11.33 10.51
N GLU A 141 -9.64 12.56 10.41
CA GLU A 141 -8.22 12.77 10.18
C GLU A 141 -7.35 12.24 11.34
N GLU A 142 -7.67 12.66 12.57
CA GLU A 142 -6.93 12.19 13.75
C GLU A 142 -6.98 10.65 13.87
N TRP A 143 -8.14 10.06 13.60
CA TRP A 143 -8.25 8.59 13.70
C TRP A 143 -7.54 7.86 12.57
N ASP A 144 -7.57 8.48 11.37
CA ASP A 144 -6.92 7.90 10.20
C ASP A 144 -5.39 8.00 10.26
N ASN A 145 -4.89 8.96 11.01
CA ASN A 145 -3.43 9.18 11.14
C ASN A 145 -2.73 8.36 12.21
N MET A 146 -3.48 7.40 12.78
CA MET A 146 -3.09 6.52 13.85
C MET A 146 -3.28 5.10 13.36
N THR A 147 -2.38 4.19 13.76
CA THR A 147 -2.60 2.75 13.54
C THR A 147 -3.53 2.20 14.61
N MET A 148 -4.10 1.02 14.35
CA MET A 148 -4.78 0.31 15.42
C MET A 148 -3.85 0.04 16.59
N LYS A 149 -2.56 -0.16 16.34
CA LYS A 149 -1.64 -0.42 17.45
C LYS A 149 -1.62 0.76 18.41
N GLU A 150 -1.46 1.96 17.86
CA GLU A 150 -1.45 3.17 18.65
C GLU A 150 -2.73 3.31 19.44
N LEU A 151 -3.86 3.04 18.81
CA LEU A 151 -5.12 3.17 19.51
C LEU A 151 -5.22 2.19 20.69
N LEU A 152 -4.83 0.93 20.47
CA LEU A 152 -4.85 -0.08 21.52
C LEU A 152 -3.94 0.30 22.65
N ASP A 153 -2.78 0.87 22.34
CA ASP A 153 -1.86 1.35 23.39
C ASP A 153 -2.46 2.48 24.26
N LYS A 154 -3.26 3.38 23.67
CA LYS A 154 -3.92 4.43 24.46
C LYS A 154 -5.08 3.88 25.29
N LEU A 155 -5.82 2.94 24.72
CA LEU A 155 -7.10 2.52 25.27
C LEU A 155 -7.02 1.40 26.30
N CYS A 156 -6.10 0.46 26.11
CA CYS A 156 -6.06 -0.75 26.96
C CYS A 156 -5.12 -0.53 28.13
N TRP A 157 -5.66 -0.53 29.34
CA TRP A 157 -4.82 -0.30 30.52
C TRP A 157 -4.27 -1.60 31.10
N THR A 158 -4.64 -2.71 30.49
CA THR A 158 -4.11 -4.02 30.88
C THR A 158 -3.56 -4.73 29.64
N GLU A 159 -2.52 -5.52 29.86
CA GLU A 159 -1.96 -6.39 28.81
C GLU A 159 -2.97 -7.42 28.36
N SER A 160 -3.81 -7.89 29.30
CA SER A 160 -4.84 -8.88 28.97
C SER A 160 -5.83 -8.36 27.89
N ALA A 161 -6.37 -7.18 28.11
CA ALA A 161 -7.22 -6.53 27.10
C ALA A 161 -6.45 -6.23 25.81
N LYS A 162 -5.24 -5.69 25.93
CA LYS A 162 -4.44 -5.41 24.73
C LYS A 162 -4.16 -6.64 23.87
N GLN A 163 -3.84 -7.77 24.51
CA GLN A 163 -3.59 -9.03 23.78
C GLN A 163 -4.86 -9.55 23.07
N LEU A 164 -6.00 -9.51 23.75
CA LEU A 164 -7.24 -9.97 23.15
C LEU A 164 -7.66 -9.07 21.99
N ALA A 165 -7.53 -7.76 22.19
CA ALA A 165 -7.83 -6.75 21.15
C ALA A 165 -6.93 -6.96 19.95
N THR A 166 -5.67 -7.33 20.19
CA THR A 166 -4.74 -7.57 19.06
C THR A 166 -5.19 -8.75 18.24
N LEU A 167 -5.57 -9.83 18.93
CA LEU A 167 -6.03 -11.03 18.26
C LEU A 167 -7.29 -10.71 17.47
N PHE A 168 -8.19 -9.96 18.09
CA PHE A 168 -9.44 -9.49 17.41
C PHE A 168 -9.15 -8.79 16.08
N VAL A 169 -8.20 -7.87 16.08
CA VAL A 169 -7.86 -7.20 14.83
C VAL A 169 -7.23 -8.15 13.81
N ASN A 170 -6.20 -8.90 14.22
CA ASN A 170 -5.54 -9.85 13.31
C ASN A 170 -6.56 -10.76 12.68
N LEU A 171 -7.51 -11.23 13.49
CA LEU A 171 -8.52 -12.19 13.00
C LEU A 171 -9.57 -11.54 12.11
N CYS A 172 -10.00 -10.32 12.44
CA CYS A 172 -11.02 -9.65 11.62
C CYS A 172 -10.51 -9.26 10.25
N VAL A 173 -9.26 -8.81 10.20
CA VAL A 173 -8.78 -8.21 8.97
C VAL A 173 -7.42 -8.75 8.46
N THR A 174 -6.97 -9.88 9.02
CA THR A 174 -5.76 -10.61 8.55
C THR A 174 -4.54 -9.70 8.33
N ALA A 175 -4.40 -8.74 9.23
CA ALA A 175 -3.30 -7.78 9.24
C ALA A 175 -2.93 -7.45 10.67
N GLU A 176 -1.72 -6.94 10.83
CA GLU A 176 -1.21 -6.58 12.13
C GLU A 176 -1.80 -5.24 12.58
N THR A 177 -1.84 -5.01 13.89
CA THR A 177 -2.42 -3.78 14.40
C THR A 177 -1.64 -2.55 13.93
N HIS A 178 -0.32 -2.67 13.80
CA HIS A 178 0.51 -1.54 13.29
C HIS A 178 0.41 -1.32 11.79
N GLU A 179 -0.24 -2.25 11.05
CA GLU A 179 -0.36 -2.10 9.59
C GLU A 179 -1.57 -1.29 9.17
N VAL A 180 -2.57 -1.25 10.04
CA VAL A 180 -3.85 -0.71 9.62
C VAL A 180 -4.23 0.61 10.29
N SER A 181 -4.96 1.45 9.54
CA SER A 181 -5.52 2.68 10.05
C SER A 181 -6.57 2.39 11.14
N ALA A 182 -6.53 3.17 12.24
CA ALA A 182 -7.55 3.06 13.27
C ALA A 182 -8.93 3.46 12.70
N LEU A 183 -9.00 4.57 11.97
CA LEU A 183 -10.28 4.97 11.31
C LEU A 183 -10.85 3.88 10.43
N TRP A 184 -9.99 3.26 9.60
CA TRP A 184 -10.47 2.24 8.68
C TRP A 184 -10.98 1.02 9.48
N PHE A 185 -10.22 0.58 10.48
CA PHE A 185 -10.63 -0.59 11.24
C PHE A 185 -11.97 -0.38 11.99
N LEU A 186 -12.09 0.81 12.61
CA LEU A 186 -13.31 1.17 13.33
C LEU A 186 -14.50 1.22 12.37
N TRP A 187 -14.28 1.74 11.15
CA TRP A 187 -15.30 1.72 10.10
C TRP A 187 -15.70 0.28 9.80
N TYR A 188 -14.68 -0.56 9.59
CA TYR A 188 -14.91 -1.92 9.12
C TYR A 188 -15.79 -2.68 10.14
N VAL A 189 -15.48 -2.55 11.43
CA VAL A 189 -16.28 -3.21 12.47
C VAL A 189 -17.70 -2.65 12.52
N LYS A 190 -17.81 -1.32 12.44
CA LYS A 190 -19.13 -0.67 12.54
C LYS A 190 -20.05 -1.08 11.37
N GLN A 191 -19.51 -1.15 10.16
CA GLN A 191 -20.33 -1.42 8.97
C GLN A 191 -20.72 -2.91 8.87
N CYS A 192 -20.16 -3.72 9.77
CA CYS A 192 -20.69 -5.09 9.98
C CYS A 192 -21.74 -5.16 11.10
N GLY A 193 -22.06 -4.02 11.70
CA GLY A 193 -23.06 -4.00 12.78
C GLY A 193 -22.42 -3.93 14.18
N GLY A 194 -21.09 -3.83 14.24
CA GLY A 194 -20.44 -3.68 15.54
C GLY A 194 -19.73 -4.91 16.10
N THR A 195 -19.08 -4.73 17.26
CA THR A 195 -18.21 -5.77 17.79
C THR A 195 -18.92 -7.11 18.03
N THR A 196 -20.07 -7.07 18.71
CA THR A 196 -20.78 -8.32 19.03
C THR A 196 -21.18 -9.09 17.77
N ARG A 197 -21.80 -8.41 16.81
CA ARG A 197 -22.22 -9.04 15.59
C ARG A 197 -21.01 -9.61 14.84
N ILE A 198 -19.90 -8.89 14.80
CA ILE A 198 -18.78 -9.38 14.00
C ILE A 198 -18.08 -10.62 14.62
N ILE A 199 -18.02 -10.71 15.94
CA ILE A 199 -17.27 -11.78 16.60
C ILE A 199 -18.07 -13.03 16.91
N SER A 200 -19.40 -12.91 16.82
CA SER A 200 -20.25 -13.99 17.26
C SER A 200 -20.47 -15.06 16.21
N THR A 201 -20.58 -16.29 16.72
CA THR A 201 -21.00 -17.42 15.96
C THR A 201 -22.53 -17.39 16.03
N THR A 202 -23.13 -17.93 17.10
CA THR A 202 -24.57 -17.74 17.35
C THR A 202 -24.89 -16.23 17.33
N ASN A 203 -25.87 -15.85 16.49
CA ASN A 203 -26.32 -14.47 16.30
C ASN A 203 -25.29 -13.50 15.67
N GLY A 204 -24.25 -14.05 15.04
CA GLY A 204 -23.37 -13.19 14.26
C GLY A 204 -22.85 -13.77 12.96
N GLY A 205 -21.75 -13.15 12.49
CA GLY A 205 -21.18 -13.45 11.19
C GLY A 205 -20.78 -14.90 10.96
N GLN A 206 -20.50 -15.66 12.03
CA GLN A 206 -20.05 -17.06 11.87
C GLN A 206 -21.14 -18.10 12.14
N GLU A 207 -22.40 -17.71 12.11
CA GLU A 207 -23.48 -18.62 12.53
C GLU A 207 -23.66 -19.82 11.60
N ARG A 208 -23.54 -19.59 10.30
CA ARG A 208 -23.87 -20.60 9.32
C ARG A 208 -22.85 -20.76 8.21
N LYS A 209 -22.98 -21.88 7.50
CA LYS A 209 -22.30 -22.13 6.26
C LYS A 209 -23.36 -22.67 5.29
N PHE A 210 -23.02 -22.70 4.01
CA PHE A 210 -23.90 -23.27 2.99
C PHE A 210 -23.67 -24.76 2.89
N VAL A 211 -24.76 -25.53 2.87
CA VAL A 211 -24.67 -26.95 2.57
C VAL A 211 -24.08 -27.12 1.15
N GLY A 212 -22.97 -27.82 1.05
CA GLY A 212 -22.33 -28.07 -0.22
C GLY A 212 -21.28 -27.05 -0.62
N GLY A 213 -21.15 -25.97 0.16
CA GLY A 213 -20.09 -24.96 -0.09
C GLY A 213 -20.56 -23.67 -0.72
N SER A 214 -19.86 -22.57 -0.39
CA SER A 214 -20.16 -21.24 -0.94
C SER A 214 -19.85 -21.03 -2.42
N GLY A 215 -18.90 -21.80 -2.96
CA GLY A 215 -18.55 -21.71 -4.38
C GLY A 215 -19.74 -21.99 -5.30
N GLN A 216 -20.73 -22.72 -4.79
CA GLN A 216 -21.99 -22.97 -5.50
C GLN A 216 -22.77 -21.71 -5.89
N VAL A 217 -22.58 -20.62 -5.14
CA VAL A 217 -23.26 -19.37 -5.49
C VAL A 217 -22.81 -18.90 -6.86
N SER A 218 -21.49 -18.74 -7.02
CA SER A 218 -20.92 -18.32 -8.28
C SER A 218 -21.16 -19.35 -9.38
N GLU A 219 -21.08 -20.65 -9.03
CA GLU A 219 -21.23 -21.72 -10.03
C GLU A 219 -22.65 -21.75 -10.61
N ARG A 220 -23.65 -21.60 -9.75
CA ARG A 220 -25.04 -21.62 -10.19
C ARG A 220 -25.42 -20.41 -11.00
N ILE A 221 -24.88 -19.24 -10.65
CA ILE A 221 -25.08 -18.09 -11.50
C ILE A 221 -24.45 -18.30 -12.88
N MET A 222 -23.23 -18.85 -12.92
CA MET A 222 -22.62 -19.24 -14.18
C MET A 222 -23.52 -20.18 -15.01
N ASP A 223 -24.16 -21.14 -14.34
CA ASP A 223 -25.08 -22.06 -15.02
C ASP A 223 -26.23 -21.30 -15.68
N LEU A 224 -26.84 -20.37 -14.94
CA LEU A 224 -27.86 -19.46 -15.48
C LEU A 224 -27.40 -18.62 -16.67
N LEU A 225 -26.15 -18.15 -16.62
CA LEU A 225 -25.61 -17.25 -17.66
C LEU A 225 -25.12 -18.00 -18.91
N GLY A 226 -24.89 -19.31 -18.79
CA GLY A 226 -24.37 -20.13 -19.90
C GLY A 226 -23.04 -19.61 -20.41
N ASP A 227 -22.94 -19.48 -21.73
CA ASP A 227 -21.67 -19.16 -22.37
C ASP A 227 -21.28 -17.67 -22.27
N ARG A 228 -22.07 -16.86 -21.57
CA ARG A 228 -21.75 -15.44 -21.35
C ARG A 228 -20.55 -15.28 -20.38
N VAL A 229 -20.29 -16.33 -19.59
CA VAL A 229 -19.13 -16.33 -18.71
C VAL A 229 -17.91 -16.87 -19.46
N LYS A 230 -16.88 -16.04 -19.60
CA LYS A 230 -15.66 -16.43 -20.31
C LYS A 230 -14.54 -16.69 -19.31
N LEU A 231 -14.18 -17.96 -19.12
CA LEU A 231 -13.09 -18.34 -18.22
C LEU A 231 -11.73 -18.18 -18.89
N GLU A 232 -10.70 -18.01 -18.07
CA GLU A 232 -9.33 -17.78 -18.57
C GLU A 232 -9.25 -16.61 -19.56
N ARG A 233 -9.99 -15.54 -19.22
CA ARG A 233 -9.93 -14.25 -19.91
C ARG A 233 -9.50 -13.18 -18.92
N PRO A 234 -8.22 -13.20 -18.51
CA PRO A 234 -7.84 -12.06 -17.69
C PRO A 234 -7.85 -10.78 -18.53
N VAL A 235 -8.46 -9.71 -18.01
CA VAL A 235 -8.47 -8.40 -18.67
C VAL A 235 -7.14 -7.67 -18.48
N ILE A 236 -6.61 -7.15 -19.60
CA ILE A 236 -5.32 -6.42 -19.59
C ILE A 236 -5.41 -4.93 -19.99
N TYR A 237 -6.55 -4.54 -20.57
CA TYR A 237 -6.65 -3.25 -21.25
C TYR A 237 -8.09 -2.80 -21.38
N ILE A 238 -8.32 -1.56 -20.97
CA ILE A 238 -9.61 -0.89 -21.14
C ILE A 238 -9.42 0.45 -21.83
N ASP A 239 -10.16 0.62 -22.91
CA ASP A 239 -10.02 1.79 -23.77
C ASP A 239 -11.38 2.47 -23.85
N GLN A 240 -11.45 3.69 -23.30
CA GLN A 240 -12.69 4.48 -23.30
C GLN A 240 -12.61 5.73 -24.20
N THR A 241 -11.71 5.74 -25.18
CA THR A 241 -11.55 6.92 -26.05
C THR A 241 -12.64 7.01 -27.12
N ARG A 242 -13.35 5.91 -27.39
CA ARG A 242 -14.34 5.85 -28.48
C ARG A 242 -15.77 5.69 -27.98
N GLU A 243 -16.73 5.71 -28.91
CA GLU A 243 -18.15 5.67 -28.57
C GLU A 243 -18.51 4.50 -27.65
N ASN A 244 -18.04 3.30 -28.00
CA ASN A 244 -18.18 2.09 -27.18
C ASN A 244 -16.85 1.80 -26.45
N VAL A 245 -16.95 1.25 -25.23
CA VAL A 245 -15.77 0.85 -24.46
C VAL A 245 -15.16 -0.44 -25.03
N LEU A 246 -13.83 -0.46 -25.14
CA LEU A 246 -13.11 -1.63 -25.61
C LEU A 246 -12.38 -2.31 -24.45
N VAL A 247 -12.65 -3.61 -24.25
CA VAL A 247 -12.00 -4.43 -23.21
C VAL A 247 -11.22 -5.59 -23.85
N GLU A 248 -9.90 -5.58 -23.66
CA GLU A 248 -9.06 -6.61 -24.22
C GLU A 248 -8.58 -7.59 -23.15
N THR A 249 -8.44 -8.85 -23.54
CA THR A 249 -7.98 -9.90 -22.64
C THR A 249 -6.57 -10.37 -23.00
N LEU A 250 -5.92 -11.04 -22.04
CA LEU A 250 -4.58 -11.58 -22.21
C LEU A 250 -4.46 -12.56 -23.38
N ASN A 251 -5.50 -13.37 -23.59
CA ASN A 251 -5.54 -14.31 -24.72
C ASN A 251 -5.99 -13.65 -26.00
N HIS A 252 -5.82 -12.33 -26.09
CA HIS A 252 -6.00 -11.56 -27.31
C HIS A 252 -7.45 -11.45 -27.84
N GLU A 253 -8.44 -11.62 -26.98
CA GLU A 253 -9.83 -11.37 -27.38
C GLU A 253 -10.22 -9.92 -27.11
N MET A 254 -11.11 -9.38 -27.94
CA MET A 254 -11.59 -8.00 -27.76
C MET A 254 -13.09 -7.99 -27.51
N TYR A 255 -13.48 -7.21 -26.50
CA TYR A 255 -14.88 -7.08 -26.17
C TYR A 255 -15.30 -5.61 -26.24
N GLU A 256 -16.48 -5.40 -26.82
CA GLU A 256 -17.00 -4.05 -26.99
C GLU A 256 -18.28 -3.87 -26.17
N ALA A 257 -18.33 -2.82 -25.36
CA ALA A 257 -19.47 -2.64 -24.46
C ALA A 257 -19.89 -1.16 -24.34
N LYS A 258 -21.12 -0.95 -23.92
CA LYS A 258 -21.62 0.37 -23.53
C LYS A 258 -21.02 0.79 -22.17
N TYR A 259 -20.93 -0.16 -21.24
CA TYR A 259 -20.40 0.11 -19.90
C TYR A 259 -19.60 -1.07 -19.39
N VAL A 260 -18.76 -0.80 -18.39
CA VAL A 260 -17.97 -1.85 -17.77
C VAL A 260 -18.19 -1.81 -16.24
N ILE A 261 -18.34 -2.98 -15.64
CA ILE A 261 -18.25 -3.12 -14.19
C ILE A 261 -16.92 -3.77 -13.84
N SER A 262 -16.13 -3.07 -13.03
CA SER A 262 -14.92 -3.66 -12.48
C SER A 262 -15.30 -4.37 -11.16
N ALA A 263 -15.28 -5.71 -11.15
CA ALA A 263 -15.70 -6.48 -9.96
C ALA A 263 -14.51 -7.23 -9.29
N ILE A 264 -13.35 -6.59 -9.33
CA ILE A 264 -12.07 -7.17 -8.88
C ILE A 264 -11.56 -6.38 -7.66
N PRO A 265 -10.70 -6.98 -6.81
CA PRO A 265 -10.17 -6.18 -5.70
C PRO A 265 -9.52 -4.86 -6.20
N PRO A 266 -9.71 -3.75 -5.46
CA PRO A 266 -9.26 -2.46 -5.99
C PRO A 266 -7.84 -2.43 -6.50
N THR A 267 -6.91 -2.97 -5.71
CA THR A 267 -5.52 -2.96 -6.14
C THR A 267 -5.28 -3.77 -7.43
N LEU A 268 -6.12 -4.79 -7.69
CA LEU A 268 -5.90 -5.60 -8.89
C LEU A 268 -6.27 -4.84 -10.18
N GLY A 269 -6.93 -3.69 -10.02
CA GLY A 269 -7.07 -2.71 -11.12
C GLY A 269 -5.73 -2.32 -11.75
N MET A 270 -4.64 -2.50 -11.00
CA MET A 270 -3.30 -2.22 -11.48
C MET A 270 -2.89 -3.13 -12.64
N LYS A 271 -3.58 -4.27 -12.79
CA LYS A 271 -3.22 -5.25 -13.80
C LYS A 271 -3.80 -4.87 -15.15
N ILE A 272 -4.65 -3.84 -15.16
CA ILE A 272 -5.27 -3.35 -16.37
C ILE A 272 -4.59 -2.05 -16.79
N HIS A 273 -4.34 -1.92 -18.09
CA HIS A 273 -3.77 -0.74 -18.69
C HIS A 273 -4.93 0.12 -19.19
N PHE A 274 -4.96 1.39 -18.80
CA PHE A 274 -6.14 2.23 -19.09
C PHE A 274 -5.82 3.29 -20.10
N ASN A 275 -6.75 3.46 -21.03
CA ASN A 275 -6.72 4.52 -22.01
C ASN A 275 -8.09 5.20 -22.06
N PRO A 276 -8.16 6.50 -21.77
CA PRO A 276 -7.06 7.35 -21.29
C PRO A 276 -6.62 6.92 -19.89
N PRO A 277 -5.50 7.47 -19.40
CA PRO A 277 -5.09 7.04 -18.05
C PRO A 277 -6.17 7.33 -17.01
N LEU A 278 -6.21 6.54 -15.93
CA LEU A 278 -7.10 6.86 -14.78
C LEU A 278 -6.84 8.28 -14.24
N PRO A 279 -7.86 8.93 -13.66
CA PRO A 279 -7.58 10.21 -13.00
C PRO A 279 -6.62 9.98 -11.84
N MET A 280 -5.90 11.03 -11.47
CA MET A 280 -4.86 10.97 -10.46
C MET A 280 -5.27 10.25 -9.16
N MET A 281 -6.45 10.55 -8.63
CA MET A 281 -6.77 9.99 -7.31
C MET A 281 -6.90 8.48 -7.41
N ARG A 282 -7.61 7.97 -8.41
CA ARG A 282 -7.72 6.53 -8.53
C ARG A 282 -6.37 5.88 -8.90
N ASN A 283 -5.62 6.53 -9.81
CA ASN A 283 -4.29 6.03 -10.19
C ASN A 283 -3.42 5.69 -8.96
N GLN A 284 -3.45 6.60 -7.99
CA GLN A 284 -2.62 6.44 -6.80
C GLN A 284 -3.35 5.54 -5.79
N MET A 285 -4.66 5.66 -5.67
CA MET A 285 -5.42 4.82 -4.70
C MET A 285 -5.12 3.33 -4.89
N ILE A 286 -5.07 2.86 -6.13
CA ILE A 286 -4.93 1.42 -6.38
C ILE A 286 -3.56 0.85 -6.03
N THR A 287 -2.62 1.73 -5.66
CA THR A 287 -1.28 1.32 -5.20
C THR A 287 -1.17 1.40 -3.70
N ARG A 288 -2.26 1.83 -3.03
CA ARG A 288 -2.21 2.09 -1.59
C ARG A 288 -3.08 1.12 -0.76
N VAL A 289 -3.61 0.07 -1.37
CA VAL A 289 -4.70 -0.68 -0.74
C VAL A 289 -4.44 -2.20 -0.84
N PRO A 290 -3.54 -2.72 0.00
CA PRO A 290 -3.17 -4.14 -0.02
C PRO A 290 -4.29 -5.01 0.55
N LEU A 291 -4.29 -6.30 0.23
CA LEU A 291 -5.16 -7.27 0.94
C LEU A 291 -4.36 -7.97 2.03
N GLY A 292 -5.06 -8.55 3.01
CA GLY A 292 -4.40 -9.14 4.15
C GLY A 292 -3.81 -10.53 3.86
N SER A 293 -3.27 -11.18 4.90
CA SER A 293 -2.54 -12.42 4.72
C SER A 293 -3.11 -13.53 5.59
N VAL A 294 -3.50 -14.64 4.96
CA VAL A 294 -4.10 -15.76 5.72
C VAL A 294 -3.88 -17.10 5.02
N ILE A 295 -3.71 -18.17 5.81
CA ILE A 295 -3.79 -19.55 5.32
C ILE A 295 -4.95 -20.19 6.05
N LYS A 296 -5.91 -20.72 5.30
CA LYS A 296 -7.04 -21.41 5.92
C LYS A 296 -6.73 -22.90 5.90
N CYS A 297 -6.80 -23.55 7.07
CA CYS A 297 -6.31 -24.92 7.24
C CYS A 297 -7.40 -25.76 7.86
N ILE A 298 -7.64 -26.94 7.29
CA ILE A 298 -8.71 -27.83 7.84
C ILE A 298 -8.11 -29.21 8.16
N VAL A 299 -8.13 -29.58 9.44
CA VAL A 299 -7.60 -30.87 9.89
C VAL A 299 -8.78 -31.82 10.16
N TYR A 300 -8.74 -32.98 9.53
CA TYR A 300 -9.84 -33.96 9.62
C TYR A 300 -9.47 -35.04 10.61
N TYR A 301 -10.50 -35.52 11.32
CA TYR A 301 -10.36 -36.53 12.33
C TYR A 301 -11.44 -37.59 12.13
N LYS A 302 -11.27 -38.73 12.80
CA LYS A 302 -12.23 -39.85 12.73
C LYS A 302 -13.58 -39.46 13.32
N GLU A 303 -13.55 -38.72 14.43
CA GLU A 303 -14.75 -38.30 15.13
C GLU A 303 -14.56 -36.88 15.64
N PRO A 304 -15.66 -36.17 15.92
CA PRO A 304 -15.52 -34.86 16.54
C PRO A 304 -15.31 -35.04 18.04
N PHE A 305 -14.13 -35.55 18.38
CA PHE A 305 -13.82 -36.02 19.72
C PHE A 305 -13.93 -34.94 20.79
N TRP A 306 -13.70 -33.68 20.40
CA TRP A 306 -13.75 -32.52 21.34
C TRP A 306 -15.13 -32.34 21.93
N ARG A 307 -16.16 -32.66 21.16
CA ARG A 307 -17.54 -32.62 21.68
C ARG A 307 -17.73 -33.50 22.92
N LYS A 308 -17.10 -34.68 22.91
CA LYS A 308 -17.17 -35.61 24.05
C LYS A 308 -16.56 -35.05 25.34
N LYS A 309 -15.63 -34.08 25.21
CA LYS A 309 -15.08 -33.34 26.36
C LYS A 309 -15.85 -32.04 26.63
N ASP A 310 -16.98 -31.88 25.93
CA ASP A 310 -17.88 -30.73 26.08
C ASP A 310 -17.20 -29.44 25.59
N TYR A 311 -16.45 -29.57 24.50
CA TYR A 311 -15.85 -28.45 23.76
C TYR A 311 -16.52 -28.40 22.40
N CYS A 312 -16.96 -27.23 21.97
CA CYS A 312 -17.66 -27.14 20.68
C CYS A 312 -16.68 -27.18 19.50
N GLY A 313 -15.42 -26.81 19.74
CA GLY A 313 -14.42 -26.83 18.65
C GLY A 313 -13.82 -25.43 18.45
N THR A 314 -14.45 -24.43 19.06
CA THR A 314 -14.01 -23.02 18.93
C THR A 314 -12.84 -22.82 19.89
N MET A 315 -11.74 -22.31 19.35
CA MET A 315 -10.59 -22.09 20.19
C MET A 315 -10.11 -20.70 19.84
N ILE A 316 -9.92 -19.87 20.87
CA ILE A 316 -9.35 -18.54 20.74
C ILE A 316 -7.99 -18.63 21.40
N ILE A 317 -6.94 -18.52 20.58
CA ILE A 317 -5.64 -18.96 21.02
C ILE A 317 -4.65 -17.81 20.94
N ASP A 318 -4.26 -17.33 22.10
CA ASP A 318 -3.35 -16.22 22.20
C ASP A 318 -1.94 -16.73 22.48
N GLY A 319 -0.97 -16.25 21.73
CA GLY A 319 0.41 -16.67 21.93
C GLY A 319 1.17 -16.64 20.61
N GLU A 320 2.37 -16.06 20.64
CA GLU A 320 3.23 -16.01 19.44
C GLU A 320 3.54 -17.39 18.88
N GLU A 321 3.71 -18.38 19.77
CA GLU A 321 4.09 -19.74 19.35
C GLU A 321 2.93 -20.48 18.68
N ALA A 322 1.70 -20.08 18.96
CA ALA A 322 0.55 -20.75 18.34
C ALA A 322 0.46 -20.34 16.87
N PRO A 323 0.56 -21.30 15.93
CA PRO A 323 0.41 -20.92 14.52
C PRO A 323 -1.00 -20.42 14.17
N VAL A 324 -2.01 -21.00 14.83
CA VAL A 324 -3.40 -20.66 14.59
C VAL A 324 -3.93 -19.90 15.79
N ALA A 325 -4.60 -18.76 15.57
CA ALA A 325 -5.19 -17.99 16.66
C ALA A 325 -6.69 -18.28 16.87
N TYR A 326 -7.32 -18.87 15.86
CA TYR A 326 -8.76 -19.09 15.97
C TYR A 326 -9.21 -20.32 15.21
N THR A 327 -10.05 -21.13 15.85
CA THR A 327 -10.59 -22.29 15.16
C THR A 327 -12.10 -22.35 15.32
N LEU A 328 -12.74 -23.08 14.40
CA LEU A 328 -14.15 -23.48 14.51
C LEU A 328 -14.30 -24.94 14.11
N ASP A 329 -15.30 -25.62 14.66
CA ASP A 329 -15.69 -26.96 14.24
C ASP A 329 -16.15 -26.89 12.79
N ASP A 330 -15.57 -27.73 11.92
CA ASP A 330 -15.92 -27.73 10.49
C ASP A 330 -16.57 -29.05 10.08
N THR A 331 -16.98 -29.81 11.08
CA THR A 331 -17.68 -31.08 10.87
C THR A 331 -18.94 -30.82 10.03
N LYS A 332 -19.26 -31.77 9.14
CA LYS A 332 -20.52 -31.68 8.35
C LYS A 332 -21.75 -31.71 9.25
N PRO A 333 -22.89 -31.12 8.79
CA PRO A 333 -24.10 -31.12 9.63
C PRO A 333 -24.62 -32.52 9.95
N GLU A 334 -24.28 -33.50 9.11
CA GLU A 334 -24.67 -34.88 9.32
C GLU A 334 -23.84 -35.53 10.44
N GLY A 335 -22.78 -34.84 10.88
CA GLY A 335 -21.95 -35.31 11.99
C GLY A 335 -20.70 -36.06 11.55
N ASN A 336 -20.58 -36.32 10.25
CA ASN A 336 -19.34 -36.95 9.71
C ASN A 336 -18.32 -35.95 9.14
N TYR A 337 -17.20 -36.49 8.63
CA TYR A 337 -16.06 -35.70 8.15
C TYR A 337 -15.63 -34.72 9.25
N ALA A 338 -15.55 -35.23 10.48
CA ALA A 338 -15.14 -34.42 11.63
C ALA A 338 -13.90 -33.61 11.29
N ALA A 339 -13.88 -32.33 11.64
CA ALA A 339 -12.79 -31.45 11.21
C ALA A 339 -12.72 -30.21 12.09
N ILE A 340 -11.52 -29.67 12.22
CA ILE A 340 -11.32 -28.37 12.82
C ILE A 340 -10.72 -27.44 11.76
N MET A 341 -11.34 -26.27 11.56
CA MET A 341 -10.85 -25.22 10.67
C MET A 341 -10.08 -24.21 11.52
N GLY A 342 -8.90 -23.80 11.04
CA GLY A 342 -8.11 -22.78 11.73
C GLY A 342 -7.53 -21.80 10.72
N PHE A 343 -7.32 -20.56 11.15
CA PHE A 343 -6.70 -19.56 10.31
C PHE A 343 -5.30 -19.25 10.82
N ILE A 344 -4.32 -19.18 9.92
CA ILE A 344 -2.98 -18.74 10.28
C ILE A 344 -2.93 -17.31 9.78
N LEU A 345 -2.66 -16.34 10.67
CA LEU A 345 -2.97 -14.92 10.37
C LEU A 345 -1.78 -14.00 10.21
N ALA A 346 -1.87 -13.09 9.24
CA ALA A 346 -0.97 -11.92 9.13
C ALA A 346 0.48 -12.36 9.16
N HIS A 347 1.34 -11.87 10.07
CA HIS A 347 2.76 -12.30 10.00
C HIS A 347 2.99 -13.82 10.06
N LYS A 348 2.11 -14.53 10.75
CA LYS A 348 2.27 -16.01 10.80
C LYS A 348 2.01 -16.70 9.48
N ALA A 349 1.09 -16.17 8.67
CA ALA A 349 0.89 -16.66 7.30
C ALA A 349 2.21 -16.54 6.50
N ARG A 350 2.88 -15.39 6.64
CA ARG A 350 4.19 -15.14 6.01
C ARG A 350 5.24 -16.10 6.55
N LYS A 351 5.35 -16.17 7.87
CA LYS A 351 6.38 -16.99 8.53
C LYS A 351 6.19 -18.48 8.23
N LEU A 352 4.98 -18.99 8.45
CA LEU A 352 4.70 -20.41 8.28
C LEU A 352 4.57 -20.93 6.84
N ALA A 353 4.42 -20.03 5.87
CA ALA A 353 4.36 -20.45 4.45
C ALA A 353 5.68 -21.13 4.01
N ARG A 354 6.76 -20.84 4.73
CA ARG A 354 8.08 -21.43 4.49
C ARG A 354 8.15 -22.95 4.72
N LEU A 355 7.21 -23.48 5.51
CA LEU A 355 7.20 -24.89 5.89
C LEU A 355 6.53 -25.75 4.82
N THR A 356 6.63 -27.07 4.95
CA THR A 356 5.85 -27.90 4.03
C THR A 356 4.43 -28.02 4.57
N LYS A 357 3.52 -28.53 3.74
CA LYS A 357 2.18 -28.86 4.17
C LYS A 357 2.18 -29.87 5.35
N GLU A 358 3.05 -30.88 5.31
CA GLU A 358 3.11 -31.89 6.38
C GLU A 358 3.61 -31.25 7.68
N GLU A 359 4.61 -30.37 7.57
CA GLU A 359 5.09 -29.61 8.72
C GLU A 359 4.02 -28.71 9.37
N ARG A 360 3.24 -27.99 8.54
CA ARG A 360 2.13 -27.20 9.08
C ARG A 360 1.08 -28.08 9.77
N LEU A 361 0.74 -29.21 9.14
CA LEU A 361 -0.23 -30.13 9.76
C LEU A 361 0.28 -30.56 11.15
N LYS A 362 1.55 -30.91 11.24
CA LYS A 362 2.13 -31.36 12.51
C LYS A 362 2.03 -30.27 13.59
N LYS A 363 2.40 -29.04 13.24
CA LYS A 363 2.32 -27.93 14.21
C LYS A 363 0.89 -27.67 14.67
N LEU A 364 -0.07 -27.79 13.75
CA LEU A 364 -1.49 -27.55 14.10
C LEU A 364 -2.00 -28.63 15.04
N CYS A 365 -1.72 -29.90 14.73
CA CYS A 365 -2.14 -31.02 15.59
C CYS A 365 -1.58 -30.91 16.99
N GLU A 366 -0.30 -30.56 17.11
CA GLU A 366 0.33 -30.42 18.42
C GLU A 366 -0.24 -29.25 19.21
N LEU A 367 -0.57 -28.15 18.51
CA LEU A 367 -1.29 -27.05 19.15
C LEU A 367 -2.68 -27.49 19.64
N TYR A 368 -3.45 -28.13 18.76
CA TYR A 368 -4.79 -28.56 19.11
C TYR A 368 -4.80 -29.58 20.25
N ALA A 369 -3.81 -30.46 20.29
CA ALA A 369 -3.70 -31.46 21.36
C ALA A 369 -3.48 -30.76 22.71
N LYS A 370 -2.62 -29.75 22.71
CA LYS A 370 -2.41 -28.97 23.93
C LYS A 370 -3.68 -28.20 24.34
N VAL A 371 -4.27 -27.45 23.40
CA VAL A 371 -5.41 -26.59 23.75
C VAL A 371 -6.60 -27.42 24.25
N LEU A 372 -6.90 -28.50 23.55
CA LEU A 372 -8.01 -29.41 23.91
C LEU A 372 -7.63 -30.44 24.99
N GLY A 373 -6.37 -30.43 25.44
CA GLY A 373 -5.89 -31.46 26.39
C GLY A 373 -6.19 -32.85 25.87
N SER A 374 -5.96 -33.07 24.57
CA SER A 374 -6.40 -34.31 23.94
C SER A 374 -5.37 -34.93 23.01
N LEU A 375 -4.83 -36.07 23.43
CA LEU A 375 -3.96 -36.85 22.56
C LEU A 375 -4.57 -37.24 21.20
N GLU A 376 -5.89 -37.40 21.13
CA GLU A 376 -6.52 -37.74 19.84
C GLU A 376 -6.31 -36.68 18.77
N ALA A 377 -6.05 -35.43 19.16
CA ALA A 377 -5.72 -34.38 18.17
C ALA A 377 -4.47 -34.67 17.37
N LEU A 378 -3.67 -35.60 17.84
CA LEU A 378 -2.41 -35.94 17.16
C LEU A 378 -2.65 -37.02 16.12
N GLU A 379 -3.91 -37.40 15.93
CA GLU A 379 -4.27 -38.43 14.94
C GLU A 379 -5.14 -37.98 13.76
N PRO A 380 -4.66 -37.01 12.95
CA PRO A 380 -5.51 -36.56 11.83
C PRO A 380 -5.69 -37.66 10.78
N VAL A 381 -6.82 -37.65 10.07
CA VAL A 381 -7.04 -38.60 8.97
C VAL A 381 -6.83 -37.95 7.60
N HIS A 382 -6.84 -36.62 7.58
CA HIS A 382 -6.74 -35.87 6.35
C HIS A 382 -6.45 -34.39 6.69
N TYR A 383 -5.95 -33.67 5.70
CA TYR A 383 -5.65 -32.23 5.88
C TYR A 383 -5.85 -31.52 4.55
N GLU A 384 -6.48 -30.34 4.57
CA GLU A 384 -6.49 -29.44 3.40
C GLU A 384 -6.13 -28.04 3.84
N GLU A 385 -5.55 -27.24 2.95
CA GLU A 385 -5.21 -25.87 3.32
C GLU A 385 -5.18 -25.00 2.05
N LYS A 386 -5.27 -23.69 2.20
CA LYS A 386 -5.03 -22.79 1.08
C LYS A 386 -4.41 -21.49 1.58
N ASN A 387 -3.23 -21.18 1.05
CA ASN A 387 -2.57 -19.91 1.33
C ASN A 387 -3.04 -18.88 0.29
N TRP A 388 -3.86 -17.93 0.71
CA TRP A 388 -4.40 -16.95 -0.24
C TRP A 388 -3.38 -15.86 -0.66
N CYS A 389 -2.27 -15.75 0.07
CA CYS A 389 -1.20 -14.79 -0.25
C CYS A 389 -0.53 -15.07 -1.59
N GLU A 390 -0.69 -16.30 -2.08
CA GLU A 390 0.00 -16.69 -3.31
C GLU A 390 -0.83 -16.43 -4.58
N GLU A 391 -2.06 -15.96 -4.41
CA GLU A 391 -3.01 -15.81 -5.54
C GLU A 391 -2.83 -14.50 -6.33
N GLN A 392 -2.35 -14.62 -7.56
CA GLN A 392 -2.14 -13.49 -8.46
C GLN A 392 -3.47 -12.73 -8.64
N TYR A 393 -4.58 -13.47 -8.74
CA TYR A 393 -5.88 -12.84 -9.05
C TYR A 393 -6.78 -12.59 -7.83
N SER A 394 -6.20 -12.67 -6.63
CA SER A 394 -6.86 -12.26 -5.41
C SER A 394 -6.04 -11.20 -4.69
N GLY A 395 -4.73 -11.45 -4.57
CA GLY A 395 -3.79 -10.56 -3.87
C GLY A 395 -3.67 -10.85 -2.38
N GLY A 396 -4.60 -11.65 -1.83
CA GLY A 396 -4.69 -11.89 -0.39
C GLY A 396 -6.11 -12.26 0.00
N CYS A 397 -6.34 -12.36 1.31
CA CYS A 397 -7.66 -12.57 1.92
C CYS A 397 -7.64 -12.09 3.37
N TYR A 398 -8.82 -11.82 3.98
CA TYR A 398 -10.13 -11.89 3.28
C TYR A 398 -10.36 -10.72 2.34
N THR A 399 -9.76 -9.58 2.67
CA THR A 399 -10.14 -8.34 2.00
C THR A 399 -9.03 -7.30 2.09
N THR A 400 -9.33 -6.13 1.55
CA THR A 400 -8.41 -5.02 1.46
C THR A 400 -8.41 -4.24 2.75
N TYR A 401 -7.22 -3.88 3.23
CA TYR A 401 -7.14 -3.06 4.42
C TYR A 401 -6.51 -1.71 3.99
N PHE A 402 -6.72 -0.70 4.82
CA PHE A 402 -6.21 0.63 4.51
C PHE A 402 -5.18 1.00 5.54
N PRO A 403 -3.92 1.24 5.11
CA PRO A 403 -2.89 1.72 6.05
C PRO A 403 -3.18 3.16 6.50
N PRO A 404 -2.51 3.63 7.57
CA PRO A 404 -2.77 4.98 8.07
C PRO A 404 -2.73 6.07 6.98
N GLY A 405 -3.72 6.95 7.00
CA GLY A 405 -3.71 8.14 6.15
C GLY A 405 -4.41 7.99 4.81
N ILE A 406 -4.73 6.74 4.44
CA ILE A 406 -5.21 6.44 3.09
C ILE A 406 -6.73 6.62 2.90
N LEU A 407 -7.51 6.20 3.89
CA LEU A 407 -8.96 6.24 3.72
C LEU A 407 -9.48 7.69 3.63
N THR A 408 -8.92 8.60 4.42
CA THR A 408 -9.33 10.00 4.29
C THR A 408 -8.88 10.67 3.00
N GLN A 409 -7.71 10.32 2.50
CA GLN A 409 -7.19 10.99 1.31
C GLN A 409 -7.78 10.41 0.01
N TYR A 410 -8.04 9.12 0.01
CA TYR A 410 -8.34 8.41 -1.23
C TYR A 410 -9.69 7.70 -1.20
N GLY A 411 -10.24 7.52 0.00
CA GLY A 411 -11.44 6.68 0.16
C GLY A 411 -12.63 7.13 -0.68
N ARG A 412 -12.77 8.44 -0.89
CA ARG A 412 -13.94 8.90 -1.68
C ARG A 412 -13.98 8.39 -3.13
N VAL A 413 -12.84 7.93 -3.66
CA VAL A 413 -12.89 7.53 -5.08
C VAL A 413 -13.07 6.02 -5.25
N LEU A 414 -13.14 5.25 -4.16
CA LEU A 414 -13.29 3.80 -4.25
C LEU A 414 -14.38 3.36 -5.23
N ARG A 415 -15.59 3.92 -5.08
CA ARG A 415 -16.68 3.51 -6.00
C ARG A 415 -17.16 4.62 -6.95
N GLN A 416 -16.36 5.67 -7.07
CA GLN A 416 -16.64 6.75 -8.02
C GLN A 416 -16.43 6.23 -9.45
N PRO A 417 -17.47 6.32 -10.31
CA PRO A 417 -17.31 5.87 -11.69
C PRO A 417 -16.20 6.61 -12.44
N VAL A 418 -15.58 5.92 -13.38
CA VAL A 418 -14.58 6.55 -14.25
C VAL A 418 -15.12 6.47 -15.67
N ASP A 419 -15.77 7.55 -16.08
CA ASP A 419 -16.48 7.65 -17.36
C ASP A 419 -17.55 6.53 -17.41
N ARG A 420 -17.31 5.45 -18.14
CA ARG A 420 -18.30 4.37 -18.25
C ARG A 420 -17.91 3.10 -17.50
N ILE A 421 -16.88 3.20 -16.66
CA ILE A 421 -16.51 2.12 -15.74
C ILE A 421 -17.10 2.36 -14.35
N TYR A 422 -17.82 1.35 -13.84
CA TYR A 422 -18.46 1.38 -12.53
C TYR A 422 -17.80 0.29 -11.69
N PHE A 423 -17.83 0.48 -10.37
CA PHE A 423 -17.03 -0.34 -9.47
C PHE A 423 -17.86 -1.15 -8.50
N ALA A 424 -17.75 -2.47 -8.66
CA ALA A 424 -18.40 -3.40 -7.74
C ALA A 424 -17.32 -3.96 -6.82
N GLY A 425 -17.53 -5.17 -6.31
CA GLY A 425 -16.53 -5.83 -5.43
C GLY A 425 -16.81 -5.54 -3.98
N THR A 426 -16.57 -6.53 -3.11
CA THR A 426 -16.98 -6.40 -1.72
C THR A 426 -16.39 -5.13 -1.06
N GLU A 427 -15.23 -4.71 -1.55
CA GLU A 427 -14.54 -3.56 -0.98
C GLU A 427 -15.32 -2.25 -1.07
N THR A 428 -16.27 -2.18 -2.01
CA THR A 428 -17.08 -0.97 -2.24
C THR A 428 -18.43 -0.99 -1.52
N ALA A 429 -18.71 -2.07 -0.77
CA ALA A 429 -19.98 -2.19 -0.04
C ALA A 429 -20.01 -1.29 1.16
N THR A 430 -21.21 -1.03 1.67
CA THR A 430 -21.36 -0.16 2.85
C THR A 430 -21.88 -0.95 4.06
N HIS A 431 -22.22 -2.21 3.82
CA HIS A 431 -22.72 -3.12 4.86
C HIS A 431 -22.12 -4.50 4.61
N TRP A 432 -21.34 -5.00 5.58
CA TRP A 432 -20.53 -6.20 5.42
C TRP A 432 -19.55 -6.17 4.23
N SER A 433 -19.00 -5.00 3.96
CA SER A 433 -17.78 -4.93 3.14
C SER A 433 -16.76 -5.88 3.70
N GLY A 434 -16.06 -6.61 2.81
CA GLY A 434 -15.08 -7.63 3.19
C GLY A 434 -15.63 -9.04 3.09
N TYR A 435 -16.96 -9.14 2.97
CA TYR A 435 -17.68 -10.41 3.09
C TYR A 435 -18.43 -10.71 1.78
N MET A 436 -18.90 -11.96 1.68
CA MET A 436 -19.80 -12.36 0.60
C MET A 436 -21.05 -11.47 0.54
N GLU A 437 -21.62 -11.10 1.69
CA GLU A 437 -22.69 -10.10 1.74
C GLU A 437 -22.34 -8.79 1.00
N GLY A 438 -21.18 -8.22 1.33
CA GLY A 438 -20.76 -6.99 0.67
C GLY A 438 -20.56 -7.14 -0.83
N ALA A 439 -20.06 -8.30 -1.26
CA ALA A 439 -19.95 -8.58 -2.68
C ALA A 439 -21.30 -8.47 -3.39
N VAL A 440 -22.35 -9.06 -2.79
CA VAL A 440 -23.69 -8.97 -3.41
C VAL A 440 -24.19 -7.53 -3.43
N GLU A 441 -24.05 -6.81 -2.31
CA GLU A 441 -24.51 -5.42 -2.22
C GLU A 441 -23.84 -4.57 -3.29
N ALA A 442 -22.53 -4.72 -3.41
CA ALA A 442 -21.78 -3.91 -4.38
C ALA A 442 -22.04 -4.26 -5.85
N GLY A 443 -22.17 -5.55 -6.15
CA GLY A 443 -22.42 -5.99 -7.52
C GLY A 443 -23.77 -5.50 -8.00
N GLU A 444 -24.78 -5.64 -7.15
CA GLU A 444 -26.13 -5.21 -7.47
C GLU A 444 -26.24 -3.67 -7.56
N ARG A 445 -25.56 -2.96 -6.65
CA ARG A 445 -25.55 -1.49 -6.70
C ARG A 445 -24.87 -1.01 -8.00
N ALA A 446 -23.72 -1.62 -8.36
CA ALA A 446 -22.99 -1.26 -9.59
C ALA A 446 -23.89 -1.46 -10.81
N ALA A 447 -24.55 -2.62 -10.87
CA ALA A 447 -25.46 -2.94 -11.95
C ALA A 447 -26.58 -1.89 -12.04
N ARG A 448 -27.19 -1.52 -10.91
CA ARG A 448 -28.25 -0.50 -10.91
C ARG A 448 -27.72 0.91 -11.26
N GLU A 449 -26.47 1.21 -10.91
CA GLU A 449 -25.86 2.46 -11.40
C GLU A 449 -25.87 2.52 -12.93
N ILE A 450 -25.60 1.37 -13.57
CA ILE A 450 -25.63 1.30 -15.04
C ILE A 450 -27.06 1.43 -15.58
N LEU A 451 -28.01 0.66 -15.03
CA LEU A 451 -29.43 0.82 -15.38
C LEU A 451 -29.88 2.28 -15.26
N HIS A 452 -29.50 2.96 -14.18
CA HIS A 452 -29.80 4.36 -14.06
C HIS A 452 -29.22 5.19 -15.20
N ALA A 453 -27.91 5.06 -15.45
CA ALA A 453 -27.24 5.75 -16.54
C ALA A 453 -27.92 5.53 -17.90
N MET A 454 -28.54 4.36 -18.09
CA MET A 454 -29.20 4.05 -19.35
C MET A 454 -30.63 4.58 -19.39
N GLY A 455 -31.05 5.21 -18.29
CA GLY A 455 -32.39 5.78 -18.14
C GLY A 455 -33.48 4.75 -17.87
N LYS A 456 -33.07 3.57 -17.38
CA LYS A 456 -33.99 2.45 -17.17
C LYS A 456 -34.63 2.42 -15.80
N ILE A 457 -33.99 3.04 -14.81
CA ILE A 457 -34.54 3.17 -13.44
C ILE A 457 -34.27 4.58 -12.90
N PRO A 458 -35.13 5.10 -12.00
CA PRO A 458 -34.85 6.42 -11.40
C PRO A 458 -33.64 6.36 -10.45
N GLU A 459 -33.07 7.53 -10.15
CA GLU A 459 -31.89 7.61 -9.30
C GLU A 459 -32.08 6.91 -7.95
N ASP A 460 -33.26 7.06 -7.36
CA ASP A 460 -33.53 6.59 -6.02
C ASP A 460 -33.60 5.06 -5.93
N GLU A 461 -33.52 4.38 -7.07
CA GLU A 461 -33.50 2.92 -7.08
C GLU A 461 -32.12 2.29 -7.16
N ILE A 462 -31.08 3.14 -7.25
CA ILE A 462 -29.68 2.67 -7.30
C ILE A 462 -29.35 1.87 -6.03
N TRP A 463 -29.62 2.45 -4.87
CA TRP A 463 -29.44 1.77 -3.58
C TRP A 463 -30.77 1.17 -3.13
N GLN A 464 -30.80 -0.14 -2.89
CA GLN A 464 -32.04 -0.80 -2.52
C GLN A 464 -31.88 -1.56 -1.21
N SER A 465 -32.81 -1.35 -0.28
CA SER A 465 -32.82 -2.13 0.97
C SER A 465 -33.22 -3.59 0.71
N GLU A 466 -32.90 -4.45 1.68
CA GLU A 466 -33.10 -5.89 1.58
C GLU A 466 -34.02 -6.37 2.69
N PRO A 467 -35.12 -7.05 2.33
CA PRO A 467 -35.98 -7.63 3.39
C PRO A 467 -35.19 -8.64 4.23
N GLU A 468 -35.41 -8.61 5.55
CA GLU A 468 -34.76 -9.55 6.46
C GLU A 468 -35.10 -10.98 6.08
N SER A 469 -34.10 -11.86 6.10
CA SER A 469 -34.30 -13.29 5.86
C SER A 469 -35.27 -13.87 6.89
N VAL A 470 -36.18 -14.73 6.46
CA VAL A 470 -37.10 -15.41 7.40
C VAL A 470 -36.46 -16.72 7.91
N ASP A 471 -35.45 -17.21 7.19
CA ASP A 471 -34.74 -18.43 7.61
C ASP A 471 -33.66 -18.15 8.65
N VAL A 472 -33.09 -16.93 8.59
CA VAL A 472 -32.00 -16.54 9.49
C VAL A 472 -32.33 -15.19 10.14
N PRO A 473 -33.26 -15.21 11.11
CA PRO A 473 -33.66 -13.97 11.78
C PRO A 473 -32.51 -13.37 12.60
N ALA A 474 -32.48 -12.05 12.72
CA ALA A 474 -31.44 -11.39 13.52
C ALA A 474 -31.98 -10.98 14.90
N GLN A 475 -31.37 -11.50 15.97
CA GLN A 475 -31.61 -10.95 17.29
C GLN A 475 -30.85 -9.63 17.37
N PRO A 476 -31.46 -8.61 17.99
CA PRO A 476 -30.84 -7.30 18.13
C PRO A 476 -29.60 -7.41 19.00
N ILE A 477 -28.65 -6.49 18.83
CA ILE A 477 -27.52 -6.44 19.74
C ILE A 477 -27.92 -5.59 20.94
N THR A 478 -27.81 -6.16 22.13
CA THR A 478 -28.22 -5.46 23.34
C THR A 478 -27.06 -5.40 24.30
N THR A 479 -27.07 -4.40 25.19
CA THR A 479 -26.10 -4.35 26.28
C THR A 479 -26.82 -4.32 27.64
N THR A 480 -26.13 -4.73 28.70
CA THR A 480 -26.66 -4.60 30.06
C THR A 480 -26.34 -3.19 30.56
N PHE A 481 -27.02 -2.80 31.65
CA PHE A 481 -26.84 -1.51 32.30
C PHE A 481 -25.39 -1.36 32.79
N LEU A 482 -24.84 -2.44 33.33
CA LEU A 482 -23.49 -2.46 33.85
C LEU A 482 -22.49 -2.27 32.71
N GLU A 483 -22.73 -2.96 31.59
CA GLU A 483 -21.90 -2.84 30.39
C GLU A 483 -21.81 -1.39 29.94
N ARG A 484 -22.95 -0.69 29.96
CA ARG A 484 -23.02 0.72 29.55
C ARG A 484 -22.34 1.70 30.50
N HIS A 485 -22.47 1.47 31.80
CA HIS A 485 -22.07 2.53 32.74
C HIS A 485 -20.87 2.23 33.62
N LEU A 486 -20.35 1.00 33.59
CA LEU A 486 -19.13 0.71 34.35
C LEU A 486 -18.01 1.64 33.86
N PRO A 487 -17.23 2.19 34.77
CA PRO A 487 -16.15 3.09 34.37
C PRO A 487 -15.04 2.34 33.66
N SER A 488 -14.28 3.07 32.85
CA SER A 488 -13.06 2.54 32.31
C SER A 488 -12.04 2.50 33.46
N VAL A 489 -10.84 1.97 33.18
CA VAL A 489 -9.78 2.00 34.18
C VAL A 489 -9.40 3.44 34.54
N PRO A 490 -9.16 4.33 33.54
CA PRO A 490 -8.87 5.73 33.94
C PRO A 490 -10.06 6.43 34.61
N GLY A 491 -11.29 6.06 34.21
CA GLY A 491 -12.50 6.58 34.84
C GLY A 491 -12.55 6.24 36.32
N LEU A 492 -12.32 4.97 36.64
CA LEU A 492 -12.20 4.52 38.04
C LEU A 492 -11.11 5.29 38.81
N LEU A 493 -9.98 5.52 38.14
CA LEU A 493 -8.86 6.24 38.76
C LEU A 493 -9.24 7.70 39.07
N ARG A 494 -9.98 8.32 38.14
CA ARG A 494 -10.54 9.67 38.34
C ARG A 494 -11.49 9.72 39.54
N LEU A 495 -12.35 8.72 39.65
CA LEU A 495 -13.26 8.59 40.79
C LEU A 495 -12.50 8.52 42.13
N ILE A 496 -11.38 7.80 42.14
CA ILE A 496 -10.54 7.64 43.34
C ILE A 496 -9.88 8.95 43.77
N GLY A 497 -9.25 9.64 42.83
CA GLY A 497 -8.62 10.94 43.07
C GLY A 497 -9.58 12.01 43.53
N LEU A 498 -10.84 11.94 43.09
CA LEU A 498 -11.86 12.94 43.44
C LEU A 498 -12.41 12.78 44.86
N THR A 499 -12.67 11.54 45.24
CA THR A 499 -13.20 11.20 46.57
C THR A 499 -12.27 11.72 47.67
N THR A 500 -11.02 11.27 47.62
CA THR A 500 -10.01 11.68 48.60
C THR A 500 -9.43 13.07 48.26
N ILE A 501 -10.33 14.05 48.12
CA ILE A 501 -9.98 15.45 47.82
C ILE A 501 -11.05 16.38 48.39
N ASN B 3 12.41 -9.47 -31.90
CA ASN B 3 12.06 -10.85 -31.49
C ASN B 3 13.03 -11.46 -30.46
N LYS B 4 14.21 -11.95 -30.88
CA LYS B 4 15.08 -12.66 -29.94
C LYS B 4 16.30 -11.85 -29.56
N CYS B 5 16.68 -11.93 -28.28
CA CYS B 5 17.84 -11.24 -27.79
C CYS B 5 18.33 -11.92 -26.52
N ASP B 6 19.42 -11.41 -25.97
CA ASP B 6 19.98 -11.93 -24.70
C ASP B 6 19.19 -11.47 -23.48
N VAL B 7 18.98 -10.16 -23.39
CA VAL B 7 18.29 -9.56 -22.23
C VAL B 7 17.23 -8.55 -22.66
N VAL B 8 16.02 -8.70 -22.14
CA VAL B 8 14.99 -7.68 -22.28
C VAL B 8 15.02 -6.85 -20.98
N VAL B 9 15.16 -5.54 -21.12
CA VAL B 9 15.07 -4.60 -19.99
C VAL B 9 13.69 -3.99 -20.05
N VAL B 10 12.90 -4.17 -18.99
CA VAL B 10 11.58 -3.58 -18.94
C VAL B 10 11.69 -2.19 -18.28
N GLY B 11 11.46 -1.13 -19.05
CA GLY B 11 11.54 0.26 -18.58
C GLY B 11 12.78 1.02 -19.06
N GLY B 12 12.57 2.17 -19.67
CA GLY B 12 13.63 3.03 -20.22
C GLY B 12 13.87 4.30 -19.42
N GLY B 13 13.78 4.19 -18.09
CA GLY B 13 14.21 5.27 -17.19
C GLY B 13 15.70 5.18 -17.03
N ILE B 14 16.30 6.01 -16.18
CA ILE B 14 17.75 5.91 -15.96
C ILE B 14 18.28 4.50 -15.63
N SER B 15 17.57 3.80 -14.76
CA SER B 15 18.02 2.48 -14.32
C SER B 15 18.03 1.47 -15.46
N GLY B 16 16.92 1.35 -16.18
CA GLY B 16 16.80 0.50 -17.38
C GLY B 16 17.85 0.83 -18.44
N MET B 17 18.00 2.12 -18.72
CA MET B 17 19.02 2.59 -19.67
C MET B 17 20.44 2.27 -19.25
N ALA B 18 20.77 2.50 -17.97
CA ALA B 18 22.11 2.18 -17.45
C ALA B 18 22.43 0.67 -17.54
N ALA B 19 21.44 -0.14 -17.17
CA ALA B 19 21.53 -1.62 -17.30
C ALA B 19 21.78 -2.04 -18.76
N ALA B 20 20.95 -1.52 -19.66
CA ALA B 20 21.05 -1.81 -21.09
C ALA B 20 22.38 -1.38 -21.71
N LYS B 21 22.84 -0.17 -21.37
CA LYS B 21 24.13 0.30 -21.85
C LYS B 21 25.26 -0.65 -21.38
N LEU B 22 25.27 -1.02 -20.08
CA LEU B 22 26.32 -1.89 -19.55
C LEU B 22 26.36 -3.24 -20.29
N LEU B 23 25.18 -3.86 -20.46
CA LEU B 23 25.09 -5.13 -21.14
C LEU B 23 25.48 -5.02 -22.62
N HIS B 24 24.97 -3.97 -23.29
CA HIS B 24 25.32 -3.66 -24.67
C HIS B 24 26.82 -3.49 -24.84
N ASP B 25 27.44 -2.72 -23.95
CA ASP B 25 28.89 -2.49 -23.99
C ASP B 25 29.69 -3.78 -23.81
N SER B 26 29.12 -4.73 -23.08
CA SER B 26 29.81 -5.98 -22.85
C SER B 26 29.59 -6.96 -24.03
N GLY B 27 28.79 -6.55 -25.02
CA GLY B 27 28.59 -7.36 -26.24
C GLY B 27 27.32 -8.21 -26.28
N LEU B 28 26.42 -8.05 -25.30
CA LEU B 28 25.16 -8.77 -25.37
C LEU B 28 24.15 -8.03 -26.24
N ASN B 29 23.17 -8.75 -26.79
CA ASN B 29 22.08 -8.13 -27.54
C ASN B 29 20.95 -7.76 -26.58
N VAL B 30 20.73 -6.45 -26.41
CA VAL B 30 19.70 -5.96 -25.48
C VAL B 30 18.56 -5.29 -26.21
N VAL B 31 17.36 -5.39 -25.63
CA VAL B 31 16.18 -4.66 -26.10
C VAL B 31 15.62 -3.97 -24.83
N VAL B 32 15.25 -2.69 -24.97
CA VAL B 32 14.54 -1.95 -23.91
C VAL B 32 13.11 -1.75 -24.33
N LEU B 33 12.20 -2.27 -23.52
CA LEU B 33 10.78 -2.10 -23.77
C LEU B 33 10.25 -1.02 -22.82
N GLU B 34 9.90 0.12 -23.41
CA GLU B 34 9.43 1.31 -22.69
C GLU B 34 7.94 1.56 -22.97
N ALA B 35 7.13 1.58 -21.92
CA ALA B 35 5.71 1.92 -22.00
C ALA B 35 5.35 3.25 -22.69
N ARG B 36 6.06 4.33 -22.34
CA ARG B 36 5.74 5.66 -22.84
C ARG B 36 6.28 5.92 -24.24
N ASP B 37 5.88 7.04 -24.79
CA ASP B 37 6.38 7.54 -26.08
C ASP B 37 7.67 8.32 -25.88
N ARG B 38 8.27 8.19 -24.71
CA ARG B 38 9.55 8.83 -24.43
C ARG B 38 10.36 7.98 -23.45
N VAL B 39 11.66 8.24 -23.36
CA VAL B 39 12.48 7.64 -22.30
C VAL B 39 12.63 8.63 -21.15
N GLY B 40 13.28 8.20 -20.08
CA GLY B 40 13.60 9.09 -18.94
C GLY B 40 12.75 8.82 -17.68
N GLY B 41 11.52 8.35 -17.87
CA GLY B 41 10.73 7.90 -16.71
C GLY B 41 10.39 9.06 -15.74
N ARG B 42 10.90 8.96 -14.51
CA ARG B 42 10.67 10.00 -13.51
C ARG B 42 11.59 11.20 -13.72
N THR B 43 12.48 11.11 -14.72
CA THR B 43 13.07 12.33 -15.29
C THR B 43 12.38 12.70 -16.59
N TYR B 44 12.25 14.01 -16.80
CA TYR B 44 11.61 14.55 -17.98
C TYR B 44 12.09 15.99 -18.11
N THR B 45 12.79 16.28 -19.20
CA THR B 45 13.23 17.66 -19.48
C THR B 45 12.36 18.24 -20.60
N LEU B 46 11.59 19.28 -20.28
CA LEU B 46 10.77 19.98 -21.29
C LEU B 46 11.59 21.09 -21.95
N ARG B 47 11.47 21.21 -23.28
CA ARG B 47 12.13 22.31 -24.03
C ARG B 47 11.06 23.15 -24.72
N ASN B 48 11.10 24.46 -24.49
CA ASN B 48 10.33 25.41 -25.30
C ASN B 48 11.07 26.70 -25.26
N GLN B 49 10.62 27.64 -26.07
CA GLN B 49 11.37 28.88 -26.20
C GLN B 49 11.31 29.70 -24.91
N LYS B 50 10.24 29.52 -24.14
CA LYS B 50 10.09 30.38 -22.94
C LYS B 50 11.05 30.00 -21.81
N VAL B 51 11.38 28.69 -21.70
CA VAL B 51 12.23 28.17 -20.61
C VAL B 51 13.62 27.74 -21.07
N LYS B 52 13.81 27.67 -22.39
CA LYS B 52 14.91 26.92 -23.02
C LYS B 52 14.80 25.42 -22.72
N TYR B 53 15.14 25.01 -21.49
CA TYR B 53 14.81 23.65 -21.00
C TYR B 53 14.44 23.73 -19.52
N VAL B 54 13.66 22.76 -19.02
CA VAL B 54 13.40 22.70 -17.58
C VAL B 54 13.19 21.25 -17.16
N ASP B 55 13.85 20.84 -16.06
CA ASP B 55 13.59 19.52 -15.46
C ASP B 55 12.28 19.58 -14.70
N LEU B 56 11.32 18.75 -15.13
CA LEU B 56 10.02 18.65 -14.49
C LEU B 56 9.95 17.42 -13.61
N GLY B 57 10.98 16.55 -13.74
CA GLY B 57 11.17 15.43 -12.82
C GLY B 57 12.44 15.57 -12.02
N GLY B 58 13.13 14.46 -11.82
CA GLY B 58 14.41 14.49 -11.08
C GLY B 58 15.38 15.40 -11.80
N SER B 59 16.16 16.15 -10.99
CA SER B 59 17.01 17.23 -11.51
C SER B 59 18.36 17.31 -10.78
N TYR B 60 18.33 17.22 -9.45
CA TYR B 60 19.53 17.54 -8.62
C TYR B 60 20.50 16.39 -8.49
N VAL B 61 21.78 16.72 -8.55
CA VAL B 61 22.84 15.76 -8.24
C VAL B 61 23.85 16.47 -7.37
N GLY B 62 24.70 15.69 -6.70
CA GLY B 62 25.60 16.29 -5.74
C GLY B 62 26.73 15.37 -5.35
N PRO B 63 27.63 15.86 -4.51
CA PRO B 63 28.77 15.04 -4.07
C PRO B 63 28.31 13.73 -3.41
N THR B 64 29.14 12.71 -3.62
CA THR B 64 28.95 11.30 -3.22
C THR B 64 28.00 10.57 -4.17
N GLN B 65 27.39 11.27 -5.14
CA GLN B 65 26.60 10.56 -6.17
C GLN B 65 27.47 10.30 -7.42
N ASN B 66 28.45 9.43 -7.25
CA ASN B 66 29.51 9.27 -8.25
C ASN B 66 29.12 8.54 -9.50
N ARG B 67 28.14 7.63 -9.40
CA ARG B 67 27.71 6.85 -10.56
C ARG B 67 26.95 7.65 -11.61
N ILE B 68 25.96 8.43 -11.16
CA ILE B 68 25.24 9.31 -12.07
C ILE B 68 26.19 10.37 -12.68
N LEU B 69 27.11 10.87 -11.87
CA LEU B 69 28.05 11.85 -12.38
C LEU B 69 29.00 11.26 -13.45
N ARG B 70 29.47 10.04 -13.23
CA ARG B 70 30.37 9.35 -14.19
C ARG B 70 29.62 9.04 -15.49
N LEU B 71 28.43 8.49 -15.35
CA LEU B 71 27.60 8.16 -16.51
C LEU B 71 27.29 9.40 -17.36
N ALA B 72 26.80 10.46 -16.72
CA ALA B 72 26.52 11.69 -17.42
C ALA B 72 27.78 12.26 -18.10
N LYS B 73 28.89 12.30 -17.39
CA LYS B 73 30.16 12.78 -17.97
C LYS B 73 30.54 12.01 -19.25
N GLU B 74 30.40 10.69 -19.21
CA GLU B 74 30.67 9.85 -20.37
C GLU B 74 29.75 10.18 -21.56
N LEU B 75 28.50 10.55 -21.25
CA LEU B 75 27.57 10.92 -22.28
C LEU B 75 27.76 12.36 -22.79
N GLY B 76 28.74 13.10 -22.25
CA GLY B 76 29.06 14.45 -22.73
C GLY B 76 28.33 15.56 -21.95
N LEU B 77 27.77 15.23 -20.79
CA LEU B 77 26.99 16.22 -19.99
C LEU B 77 27.88 16.92 -18.98
N GLU B 78 27.45 18.09 -18.56
CA GLU B 78 28.18 18.89 -17.58
C GLU B 78 27.18 19.35 -16.54
N THR B 79 27.66 19.65 -15.35
CA THR B 79 26.79 20.22 -14.30
C THR B 79 27.06 21.70 -14.08
N TYR B 80 26.15 22.35 -13.37
CA TYR B 80 26.37 23.69 -12.85
C TYR B 80 25.79 23.73 -11.44
N LYS B 81 26.28 24.68 -10.65
CA LYS B 81 25.92 24.78 -9.25
C LYS B 81 24.61 25.53 -9.07
N VAL B 82 23.69 24.90 -8.33
CA VAL B 82 22.46 25.56 -7.90
C VAL B 82 22.81 26.79 -7.07
N ASN B 83 22.09 27.89 -7.26
CA ASN B 83 22.51 29.15 -6.61
C ASN B 83 22.30 29.12 -5.11
N GLU B 84 23.40 29.24 -4.33
CA GLU B 84 23.25 29.34 -2.89
C GLU B 84 24.23 30.39 -2.35
N VAL B 85 24.49 31.44 -3.15
CA VAL B 85 25.48 32.46 -2.78
C VAL B 85 24.93 33.33 -1.64
N GLU B 86 23.67 33.76 -1.78
CA GLU B 86 23.04 34.69 -0.84
C GLU B 86 22.28 33.96 0.29
N ARG B 87 21.54 34.69 1.11
CA ARG B 87 20.94 34.07 2.29
C ARG B 87 19.75 33.20 1.97
N LEU B 88 19.61 32.13 2.74
CA LEU B 88 18.42 31.29 2.73
C LEU B 88 17.33 31.98 3.56
N ILE B 89 16.07 31.57 3.40
CA ILE B 89 14.99 32.15 4.21
C ILE B 89 14.23 31.03 4.91
N HIS B 90 14.05 31.16 6.23
CA HIS B 90 13.06 30.33 6.97
C HIS B 90 11.84 31.20 7.28
N HIS B 91 10.68 30.85 6.75
CA HIS B 91 9.48 31.66 6.96
C HIS B 91 8.64 30.91 7.99
N VAL B 92 8.44 31.52 9.14
CA VAL B 92 7.68 30.84 10.22
C VAL B 92 6.74 31.86 10.88
N LYS B 93 5.52 31.41 11.15
CA LYS B 93 4.47 32.27 11.73
C LYS B 93 4.38 33.60 11.00
N GLY B 94 4.35 33.51 9.67
CA GLY B 94 4.15 34.66 8.81
C GLY B 94 5.29 35.65 8.71
N LYS B 95 6.48 35.29 9.17
CA LYS B 95 7.62 36.19 9.07
C LYS B 95 8.84 35.48 8.48
N SER B 96 9.66 36.23 7.73
CA SER B 96 10.85 35.68 7.10
C SER B 96 12.08 35.95 7.92
N TYR B 97 12.87 34.92 8.15
CA TYR B 97 14.13 35.03 8.87
C TYR B 97 15.28 34.55 7.99
N PRO B 98 16.09 35.47 7.50
CA PRO B 98 17.15 35.05 6.62
C PRO B 98 18.30 34.43 7.41
N PHE B 99 19.00 33.47 6.82
CA PHE B 99 20.10 32.76 7.50
C PHE B 99 21.10 32.19 6.51
N ARG B 100 22.23 31.73 7.03
CA ARG B 100 23.24 31.05 6.23
C ARG B 100 23.60 29.71 6.86
N GLY B 101 24.07 28.75 6.05
CA GLY B 101 24.29 27.38 6.50
C GLY B 101 23.09 26.51 6.17
N PRO B 102 23.24 25.17 6.27
CA PRO B 102 22.16 24.23 5.90
C PRO B 102 20.90 24.23 6.80
N PHE B 103 21.08 24.53 8.09
CA PHE B 103 20.02 24.48 9.11
C PHE B 103 19.56 25.87 9.55
N PRO B 104 18.22 26.11 9.58
CA PRO B 104 17.72 27.39 10.09
C PRO B 104 18.02 27.51 11.57
N PRO B 105 18.63 28.63 12.00
CA PRO B 105 18.98 28.85 13.42
C PRO B 105 17.75 28.87 14.33
N VAL B 106 17.94 28.50 15.58
CA VAL B 106 16.89 28.49 16.58
C VAL B 106 17.39 29.30 17.77
N TRP B 107 16.53 30.15 18.34
CA TRP B 107 16.99 31.06 19.41
C TRP B 107 16.60 30.70 20.83
N ASN B 108 15.36 30.26 21.06
CA ASN B 108 14.96 29.75 22.37
C ASN B 108 15.91 28.60 22.74
N PRO B 109 16.50 28.63 23.97
CA PRO B 109 17.53 27.64 24.30
C PRO B 109 16.97 26.21 24.45
N ILE B 110 15.73 26.11 24.93
CA ILE B 110 15.07 24.83 25.08
C ILE B 110 14.75 24.25 23.70
N THR B 111 14.20 25.10 22.83
CA THR B 111 13.92 24.74 21.44
C THR B 111 15.22 24.40 20.72
N TYR B 112 16.27 25.15 21.03
CA TYR B 112 17.58 24.86 20.47
C TYR B 112 18.05 23.44 20.78
N LEU B 113 17.94 23.04 22.05
CA LEU B 113 18.32 21.68 22.46
C LEU B 113 17.47 20.63 21.74
N ASP B 114 16.17 20.91 21.62
CA ASP B 114 15.21 19.98 21.01
C ASP B 114 15.52 19.76 19.54
N HIS B 115 15.83 20.85 18.83
CA HIS B 115 16.15 20.78 17.40
C HIS B 115 17.45 20.02 17.22
N ASN B 116 18.45 20.40 18.02
CA ASN B 116 19.74 19.76 17.93
C ASN B 116 19.62 18.26 18.16
N ASN B 117 18.80 17.88 19.14
CA ASN B 117 18.63 16.48 19.47
C ASN B 117 17.95 15.71 18.35
N PHE B 118 16.98 16.35 17.70
CA PHE B 118 16.24 15.66 16.65
C PHE B 118 17.15 15.20 15.53
N TRP B 119 17.93 16.11 14.93
CA TRP B 119 18.77 15.77 13.80
C TRP B 119 19.80 14.73 14.21
N ARG B 120 20.39 14.95 15.39
CA ARG B 120 21.42 14.08 15.91
C ARG B 120 20.86 12.68 16.14
N THR B 121 19.66 12.59 16.71
CA THR B 121 18.98 11.30 16.92
C THR B 121 18.66 10.55 15.61
N MET B 122 18.19 11.26 14.58
CA MET B 122 18.04 10.62 13.25
C MET B 122 19.33 9.91 12.76
N ASP B 123 20.47 10.59 12.86
CA ASP B 123 21.74 9.98 12.45
C ASP B 123 22.20 8.88 13.44
N ASP B 124 21.97 9.05 14.73
CA ASP B 124 22.36 8.03 15.73
C ASP B 124 21.66 6.71 15.41
N MET B 125 20.35 6.82 15.16
CA MET B 125 19.52 5.65 14.84
C MET B 125 19.92 5.04 13.51
N GLY B 126 20.20 5.89 12.51
CA GLY B 126 20.68 5.41 11.23
C GLY B 126 21.95 4.59 11.28
N ARG B 127 22.85 4.88 12.23
CA ARG B 127 24.09 4.12 12.34
C ARG B 127 23.88 2.64 12.67
N GLU B 128 22.71 2.31 13.23
CA GLU B 128 22.42 0.89 13.48
C GLU B 128 21.64 0.19 12.35
N ILE B 129 21.43 0.88 11.23
CA ILE B 129 20.62 0.30 10.13
C ILE B 129 21.56 -0.01 8.94
N PRO B 130 21.76 -1.32 8.62
CA PRO B 130 22.61 -1.66 7.48
C PRO B 130 21.99 -1.16 6.17
N SER B 131 22.81 -0.47 5.38
CA SER B 131 22.33 0.09 4.11
C SER B 131 21.74 -0.99 3.20
N ASP B 132 22.40 -2.13 3.13
CA ASP B 132 21.97 -3.22 2.26
C ASP B 132 20.95 -4.17 2.89
N ALA B 133 20.56 -3.91 4.14
CA ALA B 133 19.61 -4.81 4.86
C ALA B 133 19.01 -4.12 6.07
N PRO B 134 18.12 -3.14 5.84
CA PRO B 134 17.56 -2.40 6.97
C PRO B 134 16.80 -3.30 7.94
N TRP B 135 16.20 -4.37 7.42
CA TRP B 135 15.46 -5.36 8.24
C TRP B 135 16.37 -6.09 9.25
N LYS B 136 17.68 -5.92 9.11
CA LYS B 136 18.67 -6.41 10.09
C LYS B 136 19.08 -5.45 11.22
N ALA B 137 18.54 -4.22 11.22
CA ALA B 137 18.69 -3.30 12.35
C ALA B 137 18.34 -4.02 13.66
N PRO B 138 19.11 -3.81 14.73
CA PRO B 138 18.83 -4.53 15.97
C PRO B 138 17.41 -4.30 16.45
N LEU B 139 16.87 -3.10 16.21
CA LEU B 139 15.51 -2.78 16.61
C LEU B 139 14.55 -2.71 15.41
N ALA B 140 14.82 -3.52 14.40
CA ALA B 140 14.15 -3.37 13.11
C ALA B 140 12.65 -3.41 13.30
N GLU B 141 12.19 -4.40 14.04
CA GLU B 141 10.74 -4.58 14.18
C GLU B 141 10.07 -3.46 14.97
N GLU B 142 10.69 -3.08 16.07
CA GLU B 142 10.20 -1.97 16.87
C GLU B 142 10.09 -0.69 16.02
N TRP B 143 11.15 -0.39 15.26
CA TRP B 143 11.16 0.83 14.45
C TRP B 143 10.23 0.73 13.26
N ASP B 144 10.06 -0.46 12.71
CA ASP B 144 9.17 -0.66 11.54
C ASP B 144 7.68 -0.63 11.88
N ASN B 145 7.38 -0.90 13.16
CA ASN B 145 6.02 -0.99 13.65
C ASN B 145 5.45 0.35 14.10
N MET B 146 6.23 1.42 13.92
CA MET B 146 5.86 2.78 14.30
C MET B 146 5.89 3.63 13.02
N THR B 147 5.03 4.65 12.92
CA THR B 147 5.18 5.64 11.85
C THR B 147 6.21 6.70 12.24
N MET B 148 6.68 7.50 11.26
CA MET B 148 7.46 8.67 11.59
C MET B 148 6.70 9.66 12.48
N LYS B 149 5.37 9.73 12.31
CA LYS B 149 4.55 10.56 13.23
C LYS B 149 4.73 10.17 14.70
N GLU B 150 4.61 8.87 15.01
CA GLU B 150 4.82 8.36 16.37
C GLU B 150 6.22 8.64 16.88
N LEU B 151 7.20 8.40 16.03
CA LEU B 151 8.59 8.72 16.41
C LEU B 151 8.78 10.21 16.72
N LEU B 152 8.24 11.08 15.87
CA LEU B 152 8.42 12.54 16.09
C LEU B 152 7.68 13.00 17.36
N ASP B 153 6.51 12.39 17.61
CA ASP B 153 5.74 12.66 18.83
C ASP B 153 6.55 12.33 20.10
N LYS B 154 7.29 11.22 20.09
CA LYS B 154 8.14 10.83 21.22
C LYS B 154 9.37 11.71 21.35
N LEU B 155 10.00 12.02 20.22
CA LEU B 155 11.31 12.64 20.21
C LEU B 155 11.27 14.18 20.37
N CYS B 156 10.26 14.81 19.77
CA CYS B 156 10.18 16.27 19.77
C CYS B 156 9.35 16.82 20.90
N TRP B 157 10.04 17.41 21.87
CA TRP B 157 9.40 18.10 23.00
C TRP B 157 8.86 19.51 22.67
N THR B 158 9.27 20.10 21.54
CA THR B 158 8.77 21.41 21.10
C THR B 158 8.01 21.25 19.78
N GLU B 159 6.96 22.05 19.62
CA GLU B 159 6.21 22.14 18.35
C GLU B 159 7.09 22.66 17.23
N SER B 160 8.00 23.55 17.59
CA SER B 160 8.98 24.08 16.64
C SER B 160 9.81 22.96 15.98
N ALA B 161 10.43 22.10 16.79
CA ALA B 161 11.24 21.01 16.25
C ALA B 161 10.36 20.05 15.46
N LYS B 162 9.18 19.75 15.99
CA LYS B 162 8.27 18.78 15.39
C LYS B 162 7.72 19.22 14.00
N GLN B 163 7.46 20.52 13.85
CA GLN B 163 7.02 21.09 12.57
C GLN B 163 8.15 21.08 11.53
N LEU B 164 9.36 21.42 11.96
CA LEU B 164 10.49 21.33 11.05
C LEU B 164 10.79 19.87 10.69
N ALA B 165 10.71 18.95 11.67
CA ALA B 165 10.95 17.53 11.40
C ALA B 165 9.93 17.01 10.41
N THR B 166 8.70 17.45 10.57
CA THR B 166 7.60 17.04 9.70
C THR B 166 7.85 17.56 8.26
N LEU B 167 8.20 18.84 8.13
CA LEU B 167 8.53 19.43 6.85
C LEU B 167 9.64 18.58 6.19
N PHE B 168 10.69 18.27 6.97
CA PHE B 168 11.80 17.43 6.53
C PHE B 168 11.32 16.10 5.94
N VAL B 169 10.48 15.39 6.70
CA VAL B 169 9.94 14.12 6.19
C VAL B 169 9.14 14.31 4.90
N ASN B 170 8.23 15.28 4.92
CA ASN B 170 7.41 15.59 3.75
C ASN B 170 8.25 15.86 2.49
N LEU B 171 9.29 16.68 2.62
CA LEU B 171 10.10 17.07 1.47
C LEU B 171 10.98 15.91 0.97
N CYS B 172 11.53 15.11 1.88
CA CYS B 172 12.43 14.03 1.51
C CYS B 172 11.72 12.93 0.77
N VAL B 173 10.52 12.59 1.22
CA VAL B 173 9.83 11.35 0.72
C VAL B 173 8.38 11.57 0.24
N THR B 174 8.03 12.84 0.02
CA THR B 174 6.72 13.29 -0.50
C THR B 174 5.55 12.51 0.11
N ALA B 175 5.61 12.32 1.43
CA ALA B 175 4.59 11.58 2.14
C ALA B 175 4.45 12.17 3.51
N GLU B 176 3.31 11.87 4.13
CA GLU B 176 3.02 12.32 5.47
C GLU B 176 3.78 11.48 6.51
N THR B 177 4.04 12.07 7.65
CA THR B 177 4.82 11.37 8.67
C THR B 177 4.05 10.16 9.17
N HIS B 178 2.73 10.25 9.15
CA HIS B 178 1.90 9.13 9.60
C HIS B 178 1.72 8.03 8.55
N GLU B 179 2.12 8.29 7.30
CA GLU B 179 2.01 7.28 6.22
C GLU B 179 3.17 6.27 6.18
N VAL B 180 4.33 6.64 6.73
CA VAL B 180 5.61 5.94 6.46
C VAL B 180 6.20 5.31 7.73
N SER B 181 6.84 4.15 7.57
CA SER B 181 7.53 3.46 8.66
C SER B 181 8.72 4.29 9.15
N ALA B 182 8.90 4.36 10.46
CA ALA B 182 10.10 4.95 11.02
C ALA B 182 11.36 4.23 10.59
N LEU B 183 11.38 2.89 10.67
CA LEU B 183 12.54 2.16 10.13
C LEU B 183 12.88 2.53 8.68
N TRP B 184 11.89 2.42 7.80
CA TRP B 184 12.16 2.74 6.40
C TRP B 184 12.68 4.20 6.24
N PHE B 185 12.06 5.18 6.89
CA PHE B 185 12.51 6.56 6.71
C PHE B 185 13.93 6.77 7.25
N LEU B 186 14.22 6.20 8.41
CA LEU B 186 15.58 6.30 8.95
C LEU B 186 16.61 5.64 8.04
N TRP B 187 16.23 4.52 7.46
CA TRP B 187 17.08 3.87 6.48
C TRP B 187 17.35 4.79 5.27
N TYR B 188 16.28 5.42 4.78
CA TYR B 188 16.35 6.27 3.60
C TYR B 188 17.35 7.40 3.78
N VAL B 189 17.33 8.01 4.95
CA VAL B 189 18.20 9.15 5.25
C VAL B 189 19.64 8.66 5.36
N LYS B 190 19.80 7.57 6.11
CA LYS B 190 21.13 7.01 6.37
C LYS B 190 21.79 6.55 5.06
N GLN B 191 21.02 5.91 4.19
CA GLN B 191 21.56 5.48 2.90
C GLN B 191 21.86 6.61 1.84
N CYS B 192 21.46 7.84 2.14
CA CYS B 192 21.91 9.03 1.38
C CYS B 192 23.13 9.68 2.04
N GLY B 193 23.60 9.08 3.13
CA GLY B 193 24.76 9.62 3.86
C GLY B 193 24.42 10.44 5.09
N GLY B 194 23.14 10.45 5.48
CA GLY B 194 22.73 11.12 6.71
C GLY B 194 22.08 12.47 6.49
N THR B 195 21.65 13.10 7.59
CA THR B 195 20.80 14.28 7.51
C THR B 195 21.46 15.48 6.79
N THR B 196 22.68 15.84 7.19
CA THR B 196 23.38 17.00 6.57
C THR B 196 23.56 16.83 5.05
N ARG B 197 24.00 15.65 4.64
CA ARG B 197 24.20 15.33 3.22
C ARG B 197 22.86 15.38 2.42
N ILE B 198 21.79 14.81 2.96
CA ILE B 198 20.50 14.83 2.26
C ILE B 198 19.87 16.24 2.13
N ILE B 199 20.07 17.11 3.12
CA ILE B 199 19.34 18.37 3.15
C ILE B 199 20.14 19.49 2.51
N SER B 200 21.43 19.23 2.27
CA SER B 200 22.32 20.31 1.84
C SER B 200 22.30 20.55 0.33
N THR B 201 22.36 21.81 -0.03
CA THR B 201 22.61 22.25 -1.41
C THR B 201 24.14 22.23 -1.56
N THR B 202 24.83 23.25 -1.04
CA THR B 202 26.30 23.19 -1.04
C THR B 202 26.75 21.95 -0.27
N ASN B 203 27.62 21.15 -0.89
CA ASN B 203 28.10 19.87 -0.39
C ASN B 203 27.01 18.80 -0.09
N GLY B 204 25.85 18.87 -0.73
CA GLY B 204 24.85 17.81 -0.53
C GLY B 204 24.11 17.42 -1.79
N GLY B 205 23.01 16.72 -1.63
CA GLY B 205 22.26 16.25 -2.79
C GLY B 205 21.70 17.30 -3.74
N GLN B 206 21.49 18.55 -3.29
CA GLN B 206 20.99 19.59 -4.19
C GLN B 206 22.10 20.49 -4.74
N GLU B 207 23.35 20.06 -4.70
CA GLU B 207 24.40 21.01 -5.13
C GLU B 207 24.30 21.44 -6.60
N ARG B 208 23.91 20.51 -7.48
CA ARG B 208 24.04 20.70 -8.91
C ARG B 208 22.86 20.28 -9.75
N LYS B 209 22.80 20.83 -10.96
CA LYS B 209 21.90 20.33 -11.98
C LYS B 209 22.70 20.06 -13.26
N PHE B 210 22.11 19.33 -14.19
CA PHE B 210 22.77 19.09 -15.49
C PHE B 210 22.42 20.22 -16.45
N VAL B 211 23.46 20.80 -17.06
CA VAL B 211 23.28 21.76 -18.15
C VAL B 211 22.47 21.11 -19.27
N GLY B 212 21.31 21.71 -19.60
CA GLY B 212 20.41 21.15 -20.63
C GLY B 212 19.38 20.11 -20.14
N GLY B 213 19.45 19.72 -18.87
CA GLY B 213 18.42 18.86 -18.31
C GLY B 213 18.88 17.43 -18.10
N SER B 214 18.34 16.78 -17.06
CA SER B 214 18.69 15.39 -16.74
C SER B 214 18.10 14.37 -17.70
N GLY B 215 17.04 14.74 -18.44
CA GLY B 215 16.43 13.87 -19.43
C GLY B 215 17.43 13.46 -20.51
N GLN B 216 18.48 14.27 -20.69
CA GLN B 216 19.56 13.94 -21.63
C GLN B 216 20.27 12.64 -21.33
N VAL B 217 20.35 12.28 -20.04
CA VAL B 217 20.99 11.04 -19.67
C VAL B 217 20.32 9.87 -20.39
N SER B 218 19.00 9.74 -20.22
CA SER B 218 18.26 8.66 -20.89
C SER B 218 18.19 8.80 -22.42
N GLU B 219 17.99 10.04 -22.88
CA GLU B 219 17.92 10.33 -24.33
C GLU B 219 19.25 9.96 -25.01
N ARG B 220 20.37 10.28 -24.38
CA ARG B 220 21.69 10.01 -25.00
C ARG B 220 22.05 8.53 -24.97
N ILE B 221 21.56 7.81 -23.96
CA ILE B 221 21.73 6.34 -23.97
C ILE B 221 20.84 5.71 -25.07
N MET B 222 19.63 6.22 -25.21
CA MET B 222 18.79 5.80 -26.31
C MET B 222 19.47 6.08 -27.66
N ASP B 223 20.16 7.22 -27.78
CA ASP B 223 20.92 7.52 -29.00
C ASP B 223 21.96 6.43 -29.28
N LEU B 224 22.68 6.03 -28.23
CA LEU B 224 23.68 4.97 -28.32
C LEU B 224 23.08 3.61 -28.72
N LEU B 225 21.93 3.27 -28.16
CA LEU B 225 21.36 1.96 -28.39
C LEU B 225 20.63 1.77 -29.72
N GLY B 226 20.34 2.89 -30.40
CA GLY B 226 19.63 2.90 -31.69
C GLY B 226 18.23 2.36 -31.62
N ASP B 227 17.92 1.42 -32.51
CA ASP B 227 16.59 0.84 -32.55
C ASP B 227 16.40 -0.28 -31.53
N ARG B 228 17.35 -0.48 -30.63
CA ARG B 228 17.17 -1.44 -29.52
C ARG B 228 16.14 -0.93 -28.48
N VAL B 229 15.89 0.38 -28.46
CA VAL B 229 14.85 0.92 -27.57
C VAL B 229 13.50 0.97 -28.28
N LYS B 230 12.50 0.31 -27.70
CA LYS B 230 11.17 0.26 -28.29
C LYS B 230 10.20 1.09 -27.43
N LEU B 231 9.73 2.21 -27.98
CA LEU B 231 8.87 3.14 -27.27
C LEU B 231 7.45 2.71 -27.49
N GLU B 232 6.55 3.09 -26.58
CA GLU B 232 5.15 2.63 -26.63
C GLU B 232 5.00 1.10 -26.67
N ARG B 233 5.83 0.43 -25.89
CA ARG B 233 5.74 -1.00 -25.69
C ARG B 233 5.53 -1.29 -24.19
N PRO B 234 4.32 -1.01 -23.66
CA PRO B 234 4.13 -1.41 -22.27
C PRO B 234 4.17 -2.93 -22.18
N VAL B 235 4.99 -3.47 -21.26
CA VAL B 235 4.99 -4.92 -20.98
C VAL B 235 3.75 -5.31 -20.18
N ILE B 236 3.07 -6.36 -20.66
CA ILE B 236 1.82 -6.91 -20.06
C ILE B 236 1.95 -8.36 -19.56
N TYR B 237 2.95 -9.09 -20.04
CA TYR B 237 3.00 -10.53 -19.81
C TYR B 237 4.42 -11.05 -19.88
N ILE B 238 4.83 -11.76 -18.83
CA ILE B 238 6.09 -12.46 -18.76
C ILE B 238 5.88 -13.95 -18.44
N ASP B 239 6.37 -14.79 -19.34
CA ASP B 239 6.19 -16.23 -19.26
C ASP B 239 7.57 -16.85 -19.08
N GLN B 240 7.79 -17.49 -17.93
CA GLN B 240 9.07 -18.17 -17.69
C GLN B 240 8.97 -19.71 -17.68
N THR B 241 7.86 -20.25 -18.15
CA THR B 241 7.66 -21.70 -18.11
C THR B 241 8.57 -22.45 -19.11
N ARG B 242 8.99 -21.78 -20.19
CA ARG B 242 9.78 -22.45 -21.24
C ARG B 242 11.27 -22.22 -21.11
N GLU B 243 12.01 -22.72 -22.10
CA GLU B 243 13.46 -22.63 -22.19
C GLU B 243 13.96 -21.16 -22.19
N ASN B 244 13.33 -20.33 -23.03
CA ASN B 244 13.60 -18.90 -23.09
C ASN B 244 12.47 -18.13 -22.43
N VAL B 245 12.78 -16.95 -21.86
CA VAL B 245 11.75 -16.09 -21.26
C VAL B 245 10.99 -15.37 -22.37
N LEU B 246 9.66 -15.39 -22.32
CA LEU B 246 8.85 -14.67 -23.29
C LEU B 246 8.23 -13.40 -22.69
N VAL B 247 8.45 -12.27 -23.34
CA VAL B 247 7.92 -10.98 -22.85
C VAL B 247 6.98 -10.38 -23.89
N GLU B 248 5.72 -10.22 -23.51
CA GLU B 248 4.73 -9.67 -24.40
C GLU B 248 4.36 -8.23 -24.06
N THR B 249 4.19 -7.41 -25.10
CA THR B 249 3.74 -6.03 -24.97
C THR B 249 2.26 -5.80 -25.32
N LEU B 250 1.74 -4.65 -24.87
CA LEU B 250 0.36 -4.26 -25.09
C LEU B 250 0.00 -4.17 -26.59
N ASN B 251 0.95 -3.70 -27.40
CA ASN B 251 0.75 -3.65 -28.85
C ASN B 251 1.06 -4.99 -29.51
N HIS B 252 0.92 -6.07 -28.76
CA HIS B 252 0.87 -7.45 -29.26
C HIS B 252 2.20 -8.12 -29.67
N GLU B 253 3.31 -7.38 -29.53
CA GLU B 253 4.62 -7.88 -29.88
C GLU B 253 5.18 -8.85 -28.85
N MET B 254 6.01 -9.80 -29.31
CA MET B 254 6.61 -10.83 -28.48
C MET B 254 8.12 -10.73 -28.53
N TYR B 255 8.75 -10.77 -27.36
CA TYR B 255 10.21 -10.76 -27.25
C TYR B 255 10.65 -12.00 -26.52
N GLU B 256 11.80 -12.53 -26.90
CA GLU B 256 12.31 -13.76 -26.33
C GLU B 256 13.73 -13.49 -25.88
N ALA B 257 14.03 -13.84 -24.65
CA ALA B 257 15.37 -13.60 -24.13
C ALA B 257 15.83 -14.64 -23.13
N LYS B 258 17.12 -14.62 -22.82
CA LYS B 258 17.65 -15.52 -21.81
C LYS B 258 17.31 -15.00 -20.41
N TYR B 259 17.34 -13.67 -20.25
CA TYR B 259 17.08 -13.04 -18.94
C TYR B 259 16.27 -11.77 -19.10
N VAL B 260 15.66 -11.34 -17.99
CA VAL B 260 14.91 -10.09 -17.95
C VAL B 260 15.39 -9.21 -16.80
N ILE B 261 15.44 -7.90 -17.06
CA ILE B 261 15.65 -6.92 -15.98
C ILE B 261 14.36 -6.12 -15.87
N SER B 262 13.79 -6.09 -14.66
CA SER B 262 12.61 -5.26 -14.37
C SER B 262 13.15 -3.97 -13.81
N ALA B 263 13.07 -2.88 -14.57
CA ALA B 263 13.61 -1.60 -14.10
C ALA B 263 12.46 -0.58 -13.90
N ILE B 264 11.32 -1.07 -13.43
CA ILE B 264 10.13 -0.22 -13.19
C ILE B 264 9.96 -0.11 -11.65
N PRO B 265 9.24 0.93 -11.15
CA PRO B 265 8.93 0.99 -9.72
C PRO B 265 8.28 -0.33 -9.29
N PRO B 266 8.62 -0.84 -8.09
CA PRO B 266 8.16 -2.17 -7.60
C PRO B 266 6.67 -2.39 -7.79
N THR B 267 5.86 -1.43 -7.34
CA THR B 267 4.41 -1.63 -7.48
C THR B 267 3.90 -1.75 -8.93
N LEU B 268 4.61 -1.12 -9.87
CA LEU B 268 4.21 -1.19 -11.28
C LEU B 268 4.44 -2.58 -11.86
N GLY B 269 5.14 -3.45 -11.12
CA GLY B 269 5.15 -4.88 -11.45
C GLY B 269 3.73 -5.47 -11.46
N MET B 270 2.81 -4.82 -10.77
CA MET B 270 1.41 -5.27 -10.82
C MET B 270 0.77 -5.21 -12.21
N LYS B 271 1.30 -4.37 -13.10
CA LYS B 271 0.72 -4.19 -14.44
C LYS B 271 1.09 -5.34 -15.42
N ILE B 272 1.90 -6.26 -14.92
CA ILE B 272 2.38 -7.42 -15.69
C ILE B 272 1.75 -8.72 -15.13
N HIS B 273 1.18 -9.51 -16.01
CA HIS B 273 0.61 -10.82 -15.66
C HIS B 273 1.75 -11.83 -15.75
N PHE B 274 1.93 -12.64 -14.71
CA PHE B 274 3.10 -13.51 -14.61
C PHE B 274 2.71 -14.97 -14.77
N ASN B 275 3.55 -15.69 -15.51
CA ASN B 275 3.41 -17.15 -15.67
C ASN B 275 4.81 -17.79 -15.55
N PRO B 276 5.03 -18.64 -14.52
CA PRO B 276 4.10 -19.03 -13.46
C PRO B 276 3.79 -17.81 -12.58
N PRO B 277 2.77 -17.93 -11.69
CA PRO B 277 2.55 -16.77 -10.78
C PRO B 277 3.81 -16.42 -9.99
N LEU B 278 3.97 -15.16 -9.61
CA LEU B 278 5.08 -14.82 -8.72
C LEU B 278 4.99 -15.58 -7.42
N PRO B 279 6.14 -15.79 -6.76
CA PRO B 279 6.13 -16.38 -5.41
C PRO B 279 5.34 -15.48 -4.48
N MET B 280 4.79 -16.09 -3.42
CA MET B 280 3.88 -15.41 -2.50
C MET B 280 4.39 -14.06 -1.99
N MET B 281 5.64 -13.98 -1.52
CA MET B 281 6.11 -12.74 -0.90
C MET B 281 6.17 -11.56 -1.89
N ARG B 282 6.68 -11.78 -3.09
CA ARG B 282 6.67 -10.72 -4.11
C ARG B 282 5.24 -10.41 -4.58
N ASN B 283 4.40 -11.44 -4.71
CA ASN B 283 3.02 -11.23 -5.11
C ASN B 283 2.35 -10.20 -4.19
N GLN B 284 2.55 -10.33 -2.89
CA GLN B 284 1.96 -9.37 -1.95
C GLN B 284 2.79 -8.11 -1.82
N MET B 285 4.10 -8.23 -1.88
CA MET B 285 4.96 -7.04 -1.75
C MET B 285 4.56 -5.92 -2.70
N ILE B 286 4.31 -6.26 -3.97
CA ILE B 286 4.07 -5.26 -5.01
C ILE B 286 2.70 -4.55 -4.88
N THR B 287 1.91 -4.96 -3.87
CA THR B 287 0.66 -4.27 -3.53
C THR B 287 0.84 -3.42 -2.27
N ARG B 288 2.04 -3.41 -1.68
CA ARG B 288 2.22 -2.79 -0.37
C ARG B 288 3.15 -1.56 -0.39
N VAL B 289 3.49 -1.07 -1.59
CA VAL B 289 4.64 -0.15 -1.75
C VAL B 289 4.28 1.00 -2.71
N PRO B 290 3.49 1.96 -2.22
CA PRO B 290 3.09 3.09 -3.06
C PRO B 290 4.23 4.08 -3.26
N LEU B 291 4.06 4.99 -4.22
CA LEU B 291 5.00 6.12 -4.35
C LEU B 291 4.35 7.39 -3.82
N GLY B 292 5.18 8.39 -3.49
CA GLY B 292 4.72 9.64 -2.88
C GLY B 292 3.96 10.51 -3.88
N SER B 293 3.52 11.67 -3.41
CA SER B 293 2.69 12.59 -4.17
C SER B 293 3.36 13.95 -4.23
N VAL B 294 3.57 14.45 -5.44
CA VAL B 294 4.21 15.74 -5.67
C VAL B 294 3.81 16.37 -7.01
N ILE B 295 3.70 17.70 -6.98
CA ILE B 295 3.64 18.50 -8.15
C ILE B 295 4.88 19.40 -8.12
N LYS B 296 5.70 19.32 -9.17
CA LYS B 296 6.85 20.20 -9.32
C LYS B 296 6.45 21.44 -10.14
N CYS B 297 6.75 22.63 -9.60
CA CYS B 297 6.22 23.88 -10.14
C CYS B 297 7.39 24.83 -10.29
N ILE B 298 7.49 25.47 -11.46
CA ILE B 298 8.58 26.45 -11.75
C ILE B 298 7.96 27.77 -12.27
N VAL B 299 8.16 28.83 -11.48
CA VAL B 299 7.65 30.17 -11.83
C VAL B 299 8.82 30.95 -12.35
N TYR B 300 8.65 31.54 -13.53
CA TYR B 300 9.66 32.30 -14.27
C TYR B 300 9.45 33.80 -14.09
N TYR B 301 10.56 34.53 -14.02
CA TYR B 301 10.54 35.98 -13.86
C TYR B 301 11.53 36.62 -14.81
N LYS B 302 11.40 37.93 -15.01
CA LYS B 302 12.26 38.69 -15.92
C LYS B 302 13.70 38.68 -15.39
N GLU B 303 13.85 38.77 -14.08
CA GLU B 303 15.18 38.74 -13.44
C GLU B 303 15.16 37.94 -12.15
N PRO B 304 16.36 37.51 -11.65
CA PRO B 304 16.37 36.82 -10.36
C PRO B 304 16.43 37.90 -9.24
N PHE B 305 15.31 38.61 -9.11
CA PHE B 305 15.22 39.85 -8.30
C PHE B 305 15.54 39.64 -6.84
N TRP B 306 15.30 38.42 -6.33
CA TRP B 306 15.66 38.05 -4.97
C TRP B 306 17.14 38.22 -4.65
N ARG B 307 18.01 37.95 -5.61
CA ARG B 307 19.43 38.16 -5.39
C ARG B 307 19.81 39.61 -5.00
N LYS B 308 19.05 40.58 -5.49
CA LYS B 308 19.31 42.02 -5.19
C LYS B 308 19.06 42.29 -3.72
N LYS B 309 18.21 41.45 -3.09
CA LYS B 309 17.92 41.57 -1.67
C LYS B 309 18.80 40.67 -0.80
N ASP B 310 19.86 40.10 -1.39
CA ASP B 310 20.73 39.14 -0.69
C ASP B 310 19.97 37.89 -0.22
N TYR B 311 19.06 37.42 -1.06
CA TYR B 311 18.39 36.13 -0.86
C TYR B 311 18.78 35.24 -2.04
N CYS B 312 19.04 33.96 -1.78
CA CYS B 312 19.50 33.08 -2.88
C CYS B 312 18.32 32.48 -3.66
N GLY B 313 17.14 32.49 -3.03
CA GLY B 313 15.94 31.92 -3.64
C GLY B 313 15.48 30.67 -2.92
N THR B 314 16.29 30.17 -2.00
CA THR B 314 15.87 29.04 -1.15
C THR B 314 14.94 29.54 -0.06
N MET B 315 13.78 28.91 0.08
CA MET B 315 12.81 29.29 1.09
C MET B 315 12.37 28.00 1.75
N ILE B 316 12.37 28.02 3.08
CA ILE B 316 11.79 26.93 3.89
C ILE B 316 10.59 27.52 4.61
N ILE B 317 9.41 27.02 4.28
CA ILE B 317 8.19 27.74 4.59
C ILE B 317 7.32 26.82 5.43
N ASP B 318 7.13 27.16 6.71
CA ASP B 318 6.31 26.33 7.63
C ASP B 318 4.83 26.54 7.42
N GLY B 319 4.03 25.55 7.79
CA GLY B 319 2.61 25.80 7.97
C GLY B 319 1.71 25.19 6.93
N GLU B 320 0.47 25.00 7.33
CA GLU B 320 -0.50 24.32 6.50
C GLU B 320 -0.90 25.14 5.28
N GLU B 321 -1.01 26.45 5.43
CA GLU B 321 -1.57 27.32 4.41
C GLU B 321 -0.67 27.42 3.14
N ALA B 322 0.64 27.46 3.34
CA ALA B 322 1.59 27.51 2.23
C ALA B 322 1.46 26.29 1.27
N PRO B 323 1.21 26.54 -0.02
CA PRO B 323 1.13 25.43 -0.98
C PRO B 323 2.47 24.70 -1.13
N VAL B 324 3.55 25.46 -0.99
CA VAL B 324 4.92 24.99 -1.20
C VAL B 324 5.68 25.17 0.11
N ALA B 325 6.38 24.13 0.56
CA ALA B 325 7.17 24.25 1.80
C ALA B 325 8.63 24.50 1.55
N TYR B 326 9.03 24.30 0.31
CA TYR B 326 10.45 24.42 -0.03
C TYR B 326 10.67 24.89 -1.44
N THR B 327 11.59 25.83 -1.61
CA THR B 327 11.95 26.30 -2.94
C THR B 327 13.45 26.35 -3.16
N LEU B 328 13.83 26.31 -4.43
CA LEU B 328 15.20 26.66 -4.80
C LEU B 328 15.22 27.56 -6.03
N ASP B 329 16.25 28.38 -6.14
CA ASP B 329 16.49 29.15 -7.33
C ASP B 329 16.72 28.19 -8.52
N ASP B 330 15.89 28.30 -9.56
CA ASP B 330 16.07 27.49 -10.76
C ASP B 330 16.59 28.29 -11.95
N THR B 331 17.15 29.48 -11.72
CA THR B 331 17.74 30.31 -12.80
C THR B 331 18.87 29.55 -13.51
N LYS B 332 18.98 29.71 -14.82
CA LYS B 332 20.07 29.09 -15.64
C LYS B 332 21.43 29.63 -15.20
N PRO B 333 22.51 28.87 -15.45
CA PRO B 333 23.82 29.31 -14.91
C PRO B 333 24.23 30.63 -15.55
N GLU B 334 23.71 30.92 -16.73
CA GLU B 334 23.99 32.17 -17.43
C GLU B 334 23.37 33.38 -16.74
N GLY B 335 22.35 33.12 -15.91
CA GLY B 335 21.77 34.19 -15.09
C GLY B 335 20.45 34.63 -15.69
N ASN B 336 20.05 33.92 -16.74
CA ASN B 336 18.83 34.23 -17.46
C ASN B 336 17.83 33.11 -17.23
N TYR B 337 16.63 33.26 -17.79
CA TYR B 337 15.48 32.40 -17.48
C TYR B 337 15.30 32.31 -15.94
N ALA B 338 15.36 33.48 -15.29
CA ALA B 338 15.14 33.56 -13.84
C ALA B 338 13.91 32.77 -13.42
N ALA B 339 14.02 32.01 -12.35
CA ALA B 339 12.93 31.12 -11.94
C ALA B 339 13.07 30.64 -10.52
N ILE B 340 11.92 30.31 -9.93
CA ILE B 340 11.91 29.70 -8.60
C ILE B 340 11.22 28.35 -8.76
N MET B 341 11.91 27.31 -8.29
CA MET B 341 11.30 25.97 -8.31
C MET B 341 10.70 25.67 -6.96
N GLY B 342 9.48 25.15 -6.93
CA GLY B 342 8.94 24.71 -5.66
C GLY B 342 8.21 23.40 -5.79
N PHE B 343 8.09 22.67 -4.68
CA PHE B 343 7.40 21.36 -4.65
C PHE B 343 6.12 21.48 -3.84
N ILE B 344 4.99 21.05 -4.41
CA ILE B 344 3.72 20.97 -3.65
C ILE B 344 3.62 19.50 -3.18
N LEU B 345 3.66 19.27 -1.86
CA LEU B 345 4.04 17.96 -1.31
C LEU B 345 2.91 17.18 -0.66
N ALA B 346 2.87 15.87 -0.91
CA ALA B 346 2.03 14.93 -0.15
C ALA B 346 0.55 15.37 -0.15
N HIS B 347 -0.09 15.57 1.01
CA HIS B 347 -1.52 15.91 1.00
C HIS B 347 -1.84 17.21 0.24
N LYS B 348 -0.91 18.15 0.22
CA LYS B 348 -1.14 19.39 -0.56
C LYS B 348 -1.19 19.14 -2.06
N ALA B 349 -0.43 18.14 -2.54
CA ALA B 349 -0.51 17.76 -3.95
C ALA B 349 -1.93 17.29 -4.26
N ARG B 350 -2.48 16.45 -3.39
CA ARG B 350 -3.85 15.94 -3.54
C ARG B 350 -4.86 17.07 -3.47
N LYS B 351 -4.74 17.91 -2.44
CA LYS B 351 -5.66 19.05 -2.26
C LYS B 351 -5.70 20.02 -3.44
N LEU B 352 -4.52 20.47 -3.86
CA LEU B 352 -4.37 21.55 -4.85
C LEU B 352 -4.42 21.13 -6.29
N ALA B 353 -4.38 19.82 -6.53
CA ALA B 353 -4.53 19.25 -7.87
C ALA B 353 -5.88 19.65 -8.48
N ARG B 354 -6.88 19.83 -7.63
CA ARG B 354 -8.27 20.20 -8.03
C ARG B 354 -8.38 21.58 -8.68
N LEU B 355 -7.41 22.44 -8.38
CA LEU B 355 -7.33 23.79 -8.96
C LEU B 355 -6.90 23.79 -10.43
N THR B 356 -7.04 24.94 -11.09
CA THR B 356 -6.46 25.11 -12.41
C THR B 356 -4.98 25.47 -12.29
N LYS B 357 -4.25 25.29 -13.39
CA LYS B 357 -2.87 25.72 -13.51
C LYS B 357 -2.72 27.21 -13.13
N GLU B 358 -3.60 28.05 -13.65
CA GLU B 358 -3.52 29.48 -13.32
C GLU B 358 -3.81 29.78 -11.84
N GLU B 359 -4.74 29.04 -11.23
CA GLU B 359 -5.02 29.14 -9.82
C GLU B 359 -3.83 28.72 -8.98
N ARG B 360 -3.11 27.68 -9.38
CA ARG B 360 -1.88 27.32 -8.67
C ARG B 360 -0.82 28.42 -8.84
N LEU B 361 -0.65 28.95 -10.04
CA LEU B 361 0.33 30.04 -10.29
C LEU B 361 0.10 31.24 -9.35
N LYS B 362 -1.16 31.67 -9.29
CA LYS B 362 -1.55 32.81 -8.40
C LYS B 362 -1.17 32.53 -6.93
N LYS B 363 -1.51 31.35 -6.41
CA LYS B 363 -1.15 30.96 -5.03
C LYS B 363 0.35 30.94 -4.78
N LEU B 364 1.12 30.39 -5.73
CA LEU B 364 2.57 30.41 -5.58
C LEU B 364 3.13 31.83 -5.59
N CYS B 365 2.65 32.64 -6.53
CA CYS B 365 3.19 34.00 -6.67
C CYS B 365 2.95 34.88 -5.43
N GLU B 366 1.73 34.79 -4.90
CA GLU B 366 1.38 35.50 -3.66
C GLU B 366 2.17 34.98 -2.46
N LEU B 367 2.34 33.66 -2.36
CA LEU B 367 3.25 33.10 -1.37
C LEU B 367 4.67 33.66 -1.47
N TYR B 368 5.23 33.62 -2.67
CA TYR B 368 6.60 34.06 -2.86
C TYR B 368 6.76 35.57 -2.58
N ALA B 369 5.72 36.34 -2.93
CA ALA B 369 5.75 37.79 -2.68
C ALA B 369 5.85 38.02 -1.19
N LYS B 370 5.13 37.21 -0.41
CA LYS B 370 5.16 37.36 1.03
C LYS B 370 6.50 36.94 1.62
N VAL B 371 7.00 35.78 1.18
CA VAL B 371 8.22 35.22 1.79
C VAL B 371 9.47 36.03 1.39
N LEU B 372 9.51 36.42 0.13
CA LEU B 372 10.66 37.20 -0.37
C LEU B 372 10.48 38.69 -0.08
N GLY B 373 9.29 39.09 0.37
CA GLY B 373 9.01 40.51 0.62
C GLY B 373 9.14 41.38 -0.62
N SER B 374 8.63 40.90 -1.76
CA SER B 374 8.82 41.59 -3.02
C SER B 374 7.57 41.51 -3.86
N LEU B 375 7.12 42.68 -4.29
CA LEU B 375 6.00 42.77 -5.26
C LEU B 375 6.40 42.17 -6.61
N GLU B 376 7.69 42.02 -6.85
CA GLU B 376 8.17 41.49 -8.13
C GLU B 376 7.73 40.04 -8.32
N ALA B 377 7.50 39.34 -7.21
CA ALA B 377 7.05 37.95 -7.24
C ALA B 377 5.63 37.82 -7.84
N LEU B 378 4.90 38.94 -7.92
CA LEU B 378 3.52 38.91 -8.44
C LEU B 378 3.45 39.10 -9.94
N GLU B 379 4.60 39.18 -10.60
CA GLU B 379 4.65 39.44 -12.04
C GLU B 379 5.42 38.35 -12.79
N PRO B 380 4.91 37.11 -12.75
CA PRO B 380 5.58 36.03 -13.46
C PRO B 380 5.49 36.23 -14.99
N VAL B 381 6.52 35.77 -15.69
CA VAL B 381 6.54 35.84 -17.17
C VAL B 381 6.11 34.49 -17.79
N HIS B 382 6.12 33.42 -16.99
CA HIS B 382 5.86 32.07 -17.50
C HIS B 382 5.76 31.12 -16.34
N TYR B 383 5.09 29.99 -16.58
CA TYR B 383 4.88 28.96 -15.56
C TYR B 383 4.94 27.57 -16.18
N GLU B 384 5.68 26.65 -15.55
CA GLU B 384 5.59 25.21 -15.90
C GLU B 384 5.36 24.36 -14.65
N GLU B 385 4.59 23.28 -14.79
CA GLU B 385 4.37 22.41 -13.65
C GLU B 385 4.13 20.97 -14.09
N LYS B 386 4.38 20.01 -13.22
CA LYS B 386 4.07 18.63 -13.52
C LYS B 386 3.59 17.91 -12.28
N ASN B 387 2.40 17.35 -12.41
CA ASN B 387 1.79 16.57 -11.34
C ASN B 387 2.04 15.08 -11.58
N TRP B 388 3.00 14.54 -10.84
CA TRP B 388 3.44 13.16 -11.03
C TRP B 388 2.43 12.12 -10.51
N CYS B 389 1.44 12.57 -9.72
CA CYS B 389 0.43 11.63 -9.20
C CYS B 389 -0.41 11.09 -10.33
N GLU B 390 -0.45 11.80 -11.45
CA GLU B 390 -1.34 11.36 -12.53
C GLU B 390 -0.69 10.36 -13.51
N GLU B 391 0.58 10.08 -13.32
CA GLU B 391 1.31 9.18 -14.25
C GLU B 391 1.05 7.70 -14.05
N GLN B 392 0.35 7.08 -15.00
CA GLN B 392 0.11 5.62 -14.99
C GLN B 392 1.38 4.79 -14.90
N TYR B 393 2.46 5.24 -15.56
CA TYR B 393 3.70 4.46 -15.61
C TYR B 393 4.81 4.97 -14.66
N SER B 394 4.46 5.86 -13.73
CA SER B 394 5.35 6.17 -12.59
C SER B 394 4.66 5.79 -11.26
N GLY B 395 3.40 6.21 -11.11
CA GLY B 395 2.68 5.94 -9.84
C GLY B 395 2.80 7.06 -8.83
N GLY B 396 3.73 7.99 -9.08
CA GLY B 396 3.99 9.09 -8.16
C GLY B 396 5.47 9.51 -8.30
N CYS B 397 5.93 10.32 -7.36
CA CYS B 397 7.34 10.75 -7.28
C CYS B 397 7.58 11.22 -5.84
N TYR B 398 8.84 11.30 -5.35
CA TYR B 398 10.01 10.91 -6.14
C TYR B 398 10.17 9.41 -6.22
N THR B 399 9.70 8.71 -5.18
CA THR B 399 10.05 7.31 -5.08
C THR B 399 9.02 6.54 -4.27
N THR B 400 9.31 5.27 -4.08
CA THR B 400 8.45 4.37 -3.28
C THR B 400 8.69 4.53 -1.78
N TYR B 401 7.61 4.66 -1.00
CA TYR B 401 7.75 4.69 0.45
C TYR B 401 7.16 3.41 1.04
N PHE B 402 7.63 3.04 2.22
CA PHE B 402 7.13 1.84 2.94
C PHE B 402 6.29 2.21 4.14
N PRO B 403 5.00 1.80 4.14
CA PRO B 403 4.14 2.03 5.31
C PRO B 403 4.61 1.15 6.48
N PRO B 404 4.07 1.39 7.70
CA PRO B 404 4.49 0.62 8.86
C PRO B 404 4.30 -0.88 8.68
N GLY B 405 5.34 -1.62 9.04
CA GLY B 405 5.34 -3.09 9.03
C GLY B 405 5.84 -3.78 7.77
N ILE B 406 6.01 -3.00 6.70
CA ILE B 406 6.21 -3.59 5.36
C ILE B 406 7.69 -3.95 5.08
N LEU B 407 8.61 -3.06 5.47
CA LEU B 407 10.01 -3.29 5.16
C LEU B 407 10.57 -4.55 5.83
N THR B 408 10.23 -4.77 7.11
CA THR B 408 10.71 -5.95 7.82
C THR B 408 10.09 -7.21 7.26
N GLN B 409 8.81 -7.15 6.86
CA GLN B 409 8.12 -8.34 6.34
C GLN B 409 8.43 -8.73 4.89
N TYR B 410 8.64 -7.74 4.02
CA TYR B 410 8.76 -7.94 2.58
C TYR B 410 10.04 -7.36 1.98
N GLY B 411 10.79 -6.59 2.76
CA GLY B 411 11.95 -5.86 2.25
C GLY B 411 12.99 -6.76 1.58
N ARG B 412 13.21 -7.95 2.16
CA ARG B 412 14.15 -8.93 1.58
C ARG B 412 13.85 -9.30 0.13
N VAL B 413 12.59 -9.26 -0.28
CA VAL B 413 12.22 -9.73 -1.62
C VAL B 413 12.45 -8.67 -2.71
N LEU B 414 12.73 -7.43 -2.30
CA LEU B 414 12.85 -6.33 -3.27
C LEU B 414 13.77 -6.65 -4.42
N ARG B 415 14.99 -7.08 -4.13
CA ARG B 415 15.89 -7.35 -5.23
C ARG B 415 16.20 -8.84 -5.42
N GLN B 416 15.37 -9.70 -4.83
CA GLN B 416 15.61 -11.12 -4.99
C GLN B 416 15.19 -11.56 -6.39
N PRO B 417 16.11 -12.18 -7.15
CA PRO B 417 15.73 -12.61 -8.48
C PRO B 417 14.52 -13.58 -8.47
N VAL B 418 13.67 -13.49 -9.49
CA VAL B 418 12.61 -14.47 -9.68
C VAL B 418 12.93 -15.31 -10.93
N ASP B 419 13.58 -16.46 -10.71
CA ASP B 419 14.04 -17.33 -11.82
C ASP B 419 15.02 -16.56 -12.72
N ARG B 420 14.58 -16.13 -13.91
CA ARG B 420 15.47 -15.36 -14.79
C ARG B 420 15.13 -13.84 -14.86
N ILE B 421 14.31 -13.37 -13.93
CA ILE B 421 14.03 -11.92 -13.85
C ILE B 421 14.87 -11.34 -12.73
N TYR B 422 15.67 -10.32 -13.04
CA TYR B 422 16.46 -9.59 -12.06
C TYR B 422 15.87 -8.18 -11.88
N PHE B 423 16.11 -7.57 -10.72
CA PHE B 423 15.44 -6.31 -10.34
C PHE B 423 16.36 -5.11 -10.22
N ALA B 424 16.14 -4.15 -11.10
CA ALA B 424 16.87 -2.88 -11.10
C ALA B 424 15.87 -1.83 -10.54
N GLY B 425 16.04 -0.57 -10.89
CA GLY B 425 15.15 0.48 -10.34
C GLY B 425 15.75 1.09 -9.10
N THR B 426 15.62 2.41 -8.99
CA THR B 426 16.27 3.14 -7.89
C THR B 426 15.85 2.57 -6.51
N GLU B 427 14.65 2.04 -6.43
CA GLU B 427 14.18 1.46 -5.15
C GLU B 427 15.01 0.27 -4.64
N THR B 428 15.80 -0.34 -5.51
CA THR B 428 16.63 -1.47 -5.13
C THR B 428 18.05 -1.07 -4.80
N ALA B 429 18.33 0.21 -4.86
CA ALA B 429 19.72 0.66 -4.64
C ALA B 429 20.01 0.62 -3.16
N THR B 430 21.29 0.68 -2.82
CA THR B 430 21.71 0.71 -1.41
C THR B 430 22.40 2.03 -1.02
N HIS B 431 22.65 2.90 -2.00
CA HIS B 431 23.21 4.24 -1.76
C HIS B 431 22.42 5.17 -2.67
N TRP B 432 21.85 6.24 -2.10
CA TRP B 432 20.92 7.15 -2.80
C TRP B 432 19.80 6.46 -3.55
N SER B 433 19.29 5.38 -2.97
CA SER B 433 18.00 4.85 -3.44
C SER B 433 16.98 5.99 -3.40
N GLY B 434 16.13 6.06 -4.43
CA GLY B 434 15.13 7.15 -4.56
C GLY B 434 15.60 8.24 -5.52
N TYR B 435 16.89 8.24 -5.84
CA TYR B 435 17.53 9.28 -6.67
C TYR B 435 18.03 8.68 -8.01
N MET B 436 18.39 9.56 -8.93
CA MET B 436 19.03 9.14 -10.17
C MET B 436 20.32 8.33 -9.89
N GLU B 437 21.11 8.74 -8.91
CA GLU B 437 22.28 7.94 -8.48
C GLU B 437 21.90 6.45 -8.18
N GLY B 438 20.87 6.27 -7.34
CA GLY B 438 20.37 4.91 -7.07
C GLY B 438 19.89 4.16 -8.32
N ALA B 439 19.26 4.86 -9.26
CA ALA B 439 18.80 4.23 -10.51
C ALA B 439 20.02 3.65 -11.26
N VAL B 440 21.12 4.43 -11.32
CA VAL B 440 22.38 3.93 -11.96
C VAL B 440 22.99 2.74 -11.20
N GLU B 441 23.13 2.85 -9.89
CA GLU B 441 23.65 1.76 -9.07
C GLU B 441 22.88 0.47 -9.27
N ALA B 442 21.56 0.56 -9.21
CA ALA B 442 20.74 -0.65 -9.34
C ALA B 442 20.74 -1.23 -10.74
N GLY B 443 20.73 -0.37 -11.75
CA GLY B 443 20.70 -0.81 -13.15
C GLY B 443 21.98 -1.58 -13.48
N GLU B 444 23.12 -1.03 -13.06
CA GLU B 444 24.41 -1.66 -13.29
C GLU B 444 24.57 -2.97 -12.48
N ARG B 445 24.15 -2.96 -11.22
CA ARG B 445 24.18 -4.17 -10.37
C ARG B 445 23.30 -5.27 -10.97
N ALA B 446 22.08 -4.94 -11.39
CA ALA B 446 21.19 -5.97 -11.99
C ALA B 446 21.85 -6.54 -13.25
N ALA B 447 22.44 -5.65 -14.05
CA ALA B 447 23.09 -6.09 -15.29
C ALA B 447 24.24 -7.05 -14.94
N ARG B 448 25.03 -6.69 -13.95
CA ARG B 448 26.14 -7.55 -13.52
C ARG B 448 25.70 -8.87 -12.87
N GLU B 449 24.52 -8.91 -12.22
CA GLU B 449 23.98 -10.18 -11.73
C GLU B 449 23.75 -11.14 -12.92
N ILE B 450 23.25 -10.60 -14.03
CA ILE B 450 23.05 -11.41 -15.24
C ILE B 450 24.40 -11.82 -15.87
N LEU B 451 25.36 -10.90 -15.94
CA LEU B 451 26.71 -11.26 -16.40
C LEU B 451 27.26 -12.43 -15.58
N HIS B 452 27.15 -12.35 -14.25
CA HIS B 452 27.55 -13.45 -13.38
C HIS B 452 26.75 -14.74 -13.63
N ALA B 453 25.41 -14.65 -13.72
CA ALA B 453 24.59 -15.83 -14.03
C ALA B 453 25.01 -16.51 -15.35
N MET B 454 25.57 -15.72 -16.26
CA MET B 454 26.03 -16.22 -17.55
C MET B 454 27.44 -16.77 -17.48
N GLY B 455 28.05 -16.68 -16.29
CA GLY B 455 29.43 -17.09 -16.06
C GLY B 455 30.50 -16.18 -16.65
N LYS B 456 30.12 -14.95 -17.01
CA LYS B 456 31.06 -13.98 -17.62
C LYS B 456 31.92 -13.20 -16.63
N ILE B 457 31.46 -13.04 -15.40
CA ILE B 457 32.22 -12.35 -14.37
C ILE B 457 32.05 -13.12 -13.08
N PRO B 458 33.01 -13.00 -12.13
CA PRO B 458 32.86 -13.64 -10.83
C PRO B 458 31.87 -12.94 -9.91
N GLU B 459 31.42 -13.67 -8.88
CA GLU B 459 30.47 -13.18 -7.89
C GLU B 459 30.92 -11.88 -7.21
N ASP B 460 32.21 -11.76 -6.91
CA ASP B 460 32.69 -10.54 -6.25
C ASP B 460 32.69 -9.28 -7.16
N GLU B 461 32.29 -9.44 -8.43
CA GLU B 461 32.19 -8.26 -9.31
C GLU B 461 30.73 -7.77 -9.53
N ILE B 462 29.78 -8.43 -8.89
CA ILE B 462 28.37 -8.01 -8.96
C ILE B 462 28.17 -6.59 -8.42
N TRP B 463 28.74 -6.31 -7.25
CA TRP B 463 28.61 -5.02 -6.63
C TRP B 463 29.97 -4.38 -6.81
N GLN B 464 30.00 -3.21 -7.42
CA GLN B 464 31.25 -2.50 -7.76
C GLN B 464 31.31 -1.08 -7.16
N SER B 465 32.43 -0.74 -6.53
CA SER B 465 32.62 0.59 -5.97
C SER B 465 32.78 1.61 -7.11
N GLU B 466 32.63 2.90 -6.81
CA GLU B 466 32.72 3.95 -7.82
C GLU B 466 33.78 4.95 -7.43
N PRO B 467 34.72 5.24 -8.33
CA PRO B 467 35.67 6.30 -7.96
C PRO B 467 34.98 7.66 -7.77
N GLU B 468 35.50 8.47 -6.85
CA GLU B 468 34.94 9.80 -6.61
C GLU B 468 35.11 10.71 -7.82
N SER B 469 34.05 11.44 -8.16
CA SER B 469 34.08 12.43 -9.24
C SER B 469 35.13 13.50 -8.97
N VAL B 470 35.93 13.85 -9.99
CA VAL B 470 36.90 14.95 -9.85
C VAL B 470 36.21 16.31 -9.95
N ASP B 471 35.09 16.36 -10.65
CA ASP B 471 34.37 17.58 -10.90
C ASP B 471 33.51 17.99 -9.72
N VAL B 472 33.01 16.99 -8.98
CA VAL B 472 32.08 17.23 -7.88
C VAL B 472 32.61 16.45 -6.66
N PRO B 473 33.74 16.90 -6.10
CA PRO B 473 34.31 16.17 -4.98
C PRO B 473 33.51 16.40 -3.66
N ALA B 474 33.49 15.39 -2.79
CA ALA B 474 32.75 15.52 -1.52
C ALA B 474 33.66 16.06 -0.42
N GLN B 475 33.18 17.03 0.37
CA GLN B 475 33.80 17.45 1.63
C GLN B 475 33.21 16.66 2.82
N PRO B 476 34.02 16.45 3.87
CA PRO B 476 33.47 15.65 4.98
C PRO B 476 32.30 16.34 5.67
N ILE B 477 31.39 15.53 6.21
CA ILE B 477 30.31 16.06 7.05
C ILE B 477 30.90 16.21 8.45
N THR B 478 30.83 17.41 9.01
CA THR B 478 31.34 17.61 10.36
C THR B 478 30.23 18.01 11.33
N THR B 479 30.47 17.76 12.62
CA THR B 479 29.60 18.25 13.69
C THR B 479 30.47 18.99 14.69
N THR B 480 29.88 19.89 15.48
CA THR B 480 30.64 20.61 16.50
C THR B 480 30.56 19.86 17.83
N PHE B 481 31.53 20.16 18.70
CA PHE B 481 31.51 19.67 20.08
C PHE B 481 30.12 19.83 20.76
N LEU B 482 29.53 21.02 20.67
CA LEU B 482 28.23 21.28 21.29
C LEU B 482 27.08 20.47 20.64
N GLU B 483 27.10 20.36 19.32
CA GLU B 483 26.11 19.55 18.61
C GLU B 483 26.15 18.11 19.09
N ARG B 484 27.35 17.59 19.26
CA ARG B 484 27.55 16.23 19.76
C ARG B 484 27.14 16.02 21.23
N HIS B 485 27.33 17.02 22.10
CA HIS B 485 27.17 16.78 23.56
C HIS B 485 26.07 17.55 24.30
N LEU B 486 25.44 18.51 23.65
CA LEU B 486 24.36 19.18 24.32
C LEU B 486 23.26 18.15 24.61
N PRO B 487 22.66 18.21 25.79
CA PRO B 487 21.60 17.29 26.18
C PRO B 487 20.29 17.53 25.39
N SER B 488 19.46 16.51 25.31
CA SER B 488 18.10 16.63 24.81
C SER B 488 17.25 17.37 25.84
N VAL B 489 15.98 17.63 25.52
CA VAL B 489 15.11 18.26 26.52
C VAL B 489 14.95 17.35 27.75
N PRO B 490 14.55 16.07 27.56
CA PRO B 490 14.48 15.23 28.78
C PRO B 490 15.83 15.03 29.48
N GLY B 491 16.93 15.08 28.74
CA GLY B 491 18.29 15.03 29.31
C GLY B 491 18.58 16.21 30.23
N LEU B 492 18.10 17.39 29.82
CA LEU B 492 18.23 18.60 30.61
C LEU B 492 17.34 18.54 31.86
N LEU B 493 16.28 17.74 31.78
CA LEU B 493 15.35 17.56 32.90
C LEU B 493 15.89 16.57 33.92
N ARG B 494 16.55 15.50 33.45
CA ARG B 494 17.20 14.54 34.36
C ARG B 494 18.24 15.25 35.20
N LEU B 495 18.99 16.15 34.58
CA LEU B 495 19.94 16.99 35.31
C LEU B 495 19.27 18.04 36.17
N ILE B 496 17.94 17.95 36.32
CA ILE B 496 17.17 18.87 37.19
C ILE B 496 16.11 18.11 38.01
PA FAD C . -13.47 -11.84 -5.66
O1A FAD C . -14.08 -13.05 -5.00
O2A FAD C . -12.00 -11.57 -5.36
O5B FAD C . -13.70 -11.91 -7.25
C5B FAD C . -12.92 -11.18 -8.17
C4B FAD C . -12.79 -12.05 -9.43
O4B FAD C . -12.03 -11.30 -10.36
C3B FAD C . -11.96 -13.30 -9.18
O3B FAD C . -12.69 -14.47 -9.64
C2B FAD C . -10.66 -13.08 -9.94
O2B FAD C . -10.10 -14.32 -10.44
C1B FAD C . -11.10 -12.12 -11.04
N9A FAD C . -10.06 -11.20 -11.60
C8A FAD C . -9.04 -10.58 -10.93
N7A FAD C . -8.34 -9.85 -11.83
C5A FAD C . -8.92 -9.99 -13.05
C6A FAD C . -8.63 -9.48 -14.33
N6A FAD C . -7.58 -8.62 -14.56
N1A FAD C . -9.44 -9.86 -15.36
C2A FAD C . -10.48 -10.71 -15.18
N3A FAD C . -10.77 -11.23 -13.97
C4A FAD C . -10.00 -10.86 -12.89
N1 FAD C . -16.44 -13.76 3.54
C2 FAD C . -17.56 -14.23 4.18
O2 FAD C . -18.68 -13.72 3.95
N3 FAD C . -17.48 -15.24 5.10
C4 FAD C . -16.29 -15.80 5.39
O4 FAD C . -16.24 -16.76 6.18
C4X FAD C . -15.12 -15.33 4.76
N5 FAD C . -13.93 -15.91 5.05
C5X FAD C . -12.85 -15.66 4.26
C6 FAD C . -11.75 -16.51 4.36
C7 FAD C . -10.80 -16.53 3.34
C7M FAD C . -9.64 -17.48 3.55
C8 FAD C . -10.96 -15.75 2.19
C8M FAD C . -9.97 -15.76 1.03
C9 FAD C . -12.09 -14.90 2.09
C9A FAD C . -13.04 -14.84 3.13
N10 FAD C . -14.07 -13.93 3.15
C10 FAD C . -15.20 -14.32 3.80
C1' FAD C . -14.13 -12.89 2.10
C2' FAD C . -14.93 -13.26 0.85
O2' FAD C . -14.49 -14.50 0.24
C3' FAD C . -14.83 -12.13 -0.17
O3' FAD C . -15.42 -11.01 0.44
C4' FAD C . -15.70 -12.34 -1.41
O4' FAD C . -15.48 -13.65 -1.96
C5' FAD C . -15.30 -11.25 -2.39
O5' FAD C . -16.08 -11.31 -3.59
P FAD C . -15.78 -10.30 -4.79
O1P FAD C . -16.63 -10.83 -5.92
O2P FAD C . -15.86 -8.87 -4.34
O3P FAD C . -14.21 -10.51 -5.14
CAA ASS D . -13.64 -15.33 6.26
CAD ASS D . -13.77 -15.26 7.78
CAE ASS D . -13.92 -14.01 8.38
NBE ASS D . -13.98 -14.10 9.78
CAB ASS D . -12.79 -14.89 10.12
CAW ASS D . -14.04 -12.81 10.53
CBA ASS D . -13.96 -12.96 12.09
NBG ASS D . -14.20 -14.06 12.79
CAC ASS D . -14.57 -15.44 12.39
CAN ASS D . -13.64 -11.99 12.96
CBB ASS D . -13.68 -12.50 14.21
CAM ASS D . -13.44 -11.98 15.44
CBC ASS D . -14.03 -13.77 14.08
CAL ASS D . -14.17 -14.56 15.17
CAK ASS D . -13.96 -14.09 16.47
CAZ ASS D . -13.58 -12.77 16.60
OOX ASS D . -13.34 -12.25 17.83
CAP ASS D . -13.11 -13.17 18.92
CAO ASS D . -12.38 -12.43 20.06
PA FAD E . 11.79 5.38 -13.68
O1A FAD E . 12.43 6.70 -13.98
O2A FAD E . 10.39 5.43 -13.10
O5B FAD E . 11.79 4.44 -14.97
C5B FAD E . 10.90 3.32 -15.12
C4B FAD E . 10.48 3.32 -16.58
O4B FAD E . 9.67 2.16 -16.76
C3B FAD E . 9.64 4.52 -17.03
O3B FAD E . 10.22 5.15 -18.22
C2B FAD E . 8.26 3.92 -17.30
O2B FAD E . 7.46 4.61 -18.27
C1B FAD E . 8.58 2.48 -17.65
N9A FAD E . 7.51 1.47 -17.39
C8A FAD E . 6.66 1.41 -16.36
N7A FAD E . 5.88 0.32 -16.49
C5A FAD E . 6.23 -0.29 -17.65
C6A FAD E . 5.80 -1.43 -18.33
N6A FAD E . 4.80 -2.22 -17.85
N1A FAD E . 6.43 -1.79 -19.49
C2A FAD E . 7.44 -1.05 -20.02
N3A FAD E . 7.87 0.05 -19.39
C4A FAD E . 7.29 0.44 -18.20
N1 FAD E . 16.10 12.24 -8.16
C2 FAD E . 17.29 12.87 -8.10
O2 FAD E . 18.39 12.29 -8.20
N3 FAD E . 17.28 14.21 -7.95
C4 FAD E . 16.13 14.92 -7.84
O4 FAD E . 16.20 16.15 -7.73
C4X FAD E . 14.91 14.27 -7.85
N5 FAD E . 13.74 14.96 -7.74
C5X FAD E . 12.56 14.38 -8.10
C6 FAD E . 11.45 15.18 -8.38
C7 FAD E . 10.35 14.67 -9.06
C7M FAD E . 9.16 15.60 -9.26
C8 FAD E . 10.35 13.33 -9.49
C8M FAD E . 9.21 12.68 -10.27
C9 FAD E . 11.50 12.54 -9.24
C9A FAD E . 12.63 13.05 -8.55
N10 FAD E . 13.72 12.29 -8.19
C10 FAD E . 14.92 12.91 -8.06
C1' FAD E . 13.73 10.82 -8.35
C2' FAD E . 14.37 10.33 -9.68
O2' FAD E . 13.77 11.02 -10.79
C3' FAD E . 14.14 8.80 -9.76
O3' FAD E . 14.77 8.14 -8.64
C4' FAD E . 14.76 8.13 -10.98
O4' FAD E . 14.42 8.85 -12.16
C5' FAD E . 14.15 6.73 -11.06
O5' FAD E . 14.72 6.03 -12.19
P FAD E . 14.28 4.53 -12.48
O1P FAD E . 14.90 4.21 -13.83
O2P FAD E . 14.57 3.67 -11.31
O3P FAD E . 12.69 4.62 -12.61
CAA ASS F . 13.68 15.34 -6.45
CAD ASS F . 13.98 16.31 -5.29
CAE ASS F . 14.38 15.77 -4.10
NBE ASS F . 14.62 16.69 -3.06
CAB ASS F . 13.39 17.48 -2.88
CAW ASS F . 14.92 16.02 -1.76
CBA ASS F . 15.18 17.01 -0.59
NBG ASS F . 15.55 18.28 -0.74
CAC ASS F . 15.81 19.07 -1.94
CAN ASS F . 15.07 16.75 0.72
CBB ASS F . 15.38 17.88 1.38
CAM ASS F . 15.43 18.20 2.69
CBC ASS F . 15.68 18.80 0.47
CAL ASS F . 16.04 20.04 0.81
CAK ASS F . 16.12 20.44 2.14
CAZ ASS F . 15.78 19.50 3.10
OOX ASS F . 15.87 19.90 4.41
CAP ASS F . 15.01 20.95 4.87
CAO ASS F . 15.62 21.64 6.11
#